data_4H0T
#
_entry.id   4H0T
#
_cell.length_a   54.016
_cell.length_b   134.169
_cell.length_c   151.028
_cell.angle_alpha   90.00
_cell.angle_beta   90.00
_cell.angle_gamma   90.00
#
_symmetry.space_group_name_H-M   'P 21 21 21'
#
loop_
_entity.id
_entity.type
_entity.pdbx_description
1 polymer 'Iota toxin component Ia'
2 polymer 'Actin, alpha skeletal muscle'
3 non-polymer 'PHOSPHATE ION'
4 non-polymer 1,2-ETHANEDIOL
5 non-polymer '[(2R,3S,4R,5R)-5-(6-AMINOPURIN-9-YL)-3,4-DIHYDROXY-OXOLAN-2-YL]METHYL [HYDROXY-[[(2R,3S,4R,5S)-3,4,5-TRIHYDROXYOXOLAN-2-YL]METHOXY]PHOSPHORYL] HYDROGEN PHOSPHATE'
6 non-polymer 'CALCIUM ION'
7 non-polymer 'LATRUNCULIN A'
8 non-polymer "ADENOSINE-5'-TRIPHOSPHATE"
9 water water
#
loop_
_entity_poly.entity_id
_entity_poly.type
_entity_poly.pdbx_seq_one_letter_code
_entity_poly.pdbx_strand_id
1 'polypeptide(L)'
;RGSHMAFIERPEDFLKDKENAIQWEKKEAERVEKNLDTLEKEALELYKKDSEQISNYSQTRQYFYDYQIESNPREKEYKN
LRNAISKNKIDKPINVYYFESPEKFAFNKEIRTENQNEISLEKFNELKETIQDKLFKQDGFKDVSLYEPGNGDEKPTPLL
IHLKLPKNTGMLPYINSNDVKTLIEQDYSIKIDKIVRIVIEGKQYIKAEASIVNSLDFKDDVSKGDLWGKENYSDWSNKL
TPNELADVNDYMRGGYTAINNYLISNGPLNNPNPELDSKVNNIENALKLTPIPSNLIVYRRSGPQEFGLTLTSPEYDFNK
IENIDAFKEKWEGKVITYPNFISTSIGSVNMSAFAKRKIILRINIPKDSPGAYLSAIPGYAGEYEVLLNHGSKFKINKVD
SYKDGTVTKLILDATLIN
;
A
2 'polypeptide(L)'
;DEDETTALVCDNGSGLVKAGFAGDDAPRAVFPSIVGRPRHQGVMVGMGQKDSYVGDEAQSKRGILTLKYPIEHGIITNWD
DMEKIWHHTFYNELRVAPEEHPTLLTEAPLNPKANREKMTQIMFETFNVPAMYVAIQAVLSLYASGRTTGIVLDSGDGVT
HNVPIYEGYALPHAIMRLDLAGRDLTDYLMKILTERGYSFVTTAEREIVRDIKEKLCYVALDFENEMATAASSSSLEKSY
ELPDGQVITIGNERFRCPETLFQPSFIGMESAGIHETTYNSIMKCDIDIRKDLYANNVMSGGTTMYPGIADRMQKEITAL
APSTMKIKIIAPPERKYSVWIGGSILASLSTFQQMWITKQEYDEAGPSIVHRKCF
;
B
#
loop_
_chem_comp.id
_chem_comp.type
_chem_comp.name
_chem_comp.formula
AR6 non-polymer '[(2R,3S,4R,5R)-5-(6-AMINOPURIN-9-YL)-3,4-DIHYDROXY-OXOLAN-2-YL]METHYL [HYDROXY-[[(2R,3S,4R,5S)-3,4,5-TRIHYDROXYOXOLAN-2-YL]METHOXY]PHOSPHORYL] HYDROGEN PHOSPHATE' 'C15 H23 N5 O14 P2'
ATP non-polymer ADENOSINE-5'-TRIPHOSPHATE 'C10 H16 N5 O13 P3'
CA non-polymer 'CALCIUM ION' 'Ca 2'
EDO non-polymer 1,2-ETHANEDIOL 'C2 H6 O2'
LAR non-polymer 'LATRUNCULIN A' 'C22 H31 N O5 S'
PO4 non-polymer 'PHOSPHATE ION' 'O4 P -3'
#
# COMPACT_ATOMS: atom_id res chain seq x y z
N MET A 5 -45.52 -20.76 28.90
CA MET A 5 -46.24 -20.68 27.60
C MET A 5 -45.61 -19.66 26.66
N ALA A 6 -45.62 -19.98 25.37
CA ALA A 6 -44.98 -19.16 24.35
C ALA A 6 -46.03 -18.50 23.45
N PHE A 7 -45.78 -17.27 23.05
CA PHE A 7 -46.55 -16.64 21.97
C PHE A 7 -46.17 -17.28 20.65
N ILE A 8 -47.00 -17.13 19.63
CA ILE A 8 -46.72 -17.76 18.34
C ILE A 8 -45.80 -16.92 17.46
N GLU A 9 -45.37 -15.76 17.96
CA GLU A 9 -44.31 -14.98 17.33
C GLU A 9 -43.27 -14.76 18.41
N ARG A 10 -41.99 -14.85 18.06
CA ARG A 10 -40.95 -14.69 19.07
C ARG A 10 -40.84 -13.23 19.49
N PRO A 11 -40.41 -12.97 20.74
CA PRO A 11 -40.13 -11.60 21.13
C PRO A 11 -38.80 -11.14 20.57
N GLU A 12 -38.50 -9.86 20.70
CA GLU A 12 -37.19 -9.34 20.32
C GLU A 12 -36.12 -9.69 21.37
N ASP A 13 -36.56 -9.97 22.58
CA ASP A 13 -35.64 -10.31 23.66
C ASP A 13 -36.29 -11.35 24.56
N PHE A 14 -35.68 -12.52 24.64
CA PHE A 14 -36.18 -13.59 25.48
C PHE A 14 -35.91 -13.36 26.97
N LEU A 15 -35.05 -12.38 27.29
CA LEU A 15 -34.75 -12.02 28.67
C LEU A 15 -34.25 -13.27 29.44
N LYS A 16 -34.92 -13.61 30.55
CA LYS A 16 -34.55 -14.79 31.35
C LYS A 16 -35.38 -16.00 31.02
N ASP A 17 -36.21 -15.89 29.98
CA ASP A 17 -37.00 -17.03 29.54
C ASP A 17 -36.11 -18.02 28.81
N LYS A 18 -35.27 -18.67 29.60
CA LYS A 18 -34.30 -19.63 29.11
C LYS A 18 -34.99 -20.75 28.35
N GLU A 19 -36.05 -21.26 28.97
CA GLU A 19 -36.77 -22.41 28.43
C GLU A 19 -37.40 -22.14 27.05
N ASN A 20 -38.09 -21.03 26.85
CA ASN A 20 -38.59 -20.73 25.49
C ASN A 20 -37.48 -20.38 24.51
N ALA A 21 -36.46 -19.66 24.96
CA ALA A 21 -35.31 -19.33 24.10
C ALA A 21 -34.71 -20.60 23.51
N ILE A 22 -34.42 -21.58 24.36
CA ILE A 22 -33.80 -22.84 23.92
C ILE A 22 -34.69 -23.63 22.98
N GLN A 23 -35.97 -23.76 23.29
CA GLN A 23 -36.87 -24.55 22.45
C GLN A 23 -37.09 -23.86 21.11
N TRP A 24 -37.21 -22.54 21.15
CA TRP A 24 -37.37 -21.79 19.92
C TRP A 24 -36.14 -21.94 19.03
N GLU A 25 -34.96 -21.79 19.63
CA GLU A 25 -33.74 -21.86 18.86
C GLU A 25 -33.48 -23.29 18.37
N LYS A 26 -33.97 -24.28 19.11
CA LYS A 26 -33.89 -25.68 18.68
C LYS A 26 -34.71 -25.95 17.40
N LYS A 27 -35.90 -25.39 17.32
CA LYS A 27 -36.72 -25.51 16.11
C LYS A 27 -36.10 -24.74 14.95
N GLU A 28 -35.50 -23.60 15.27
CA GLU A 28 -34.83 -22.80 14.24
C GLU A 28 -33.65 -23.56 13.62
N ALA A 29 -32.90 -24.28 14.46
CA ALA A 29 -31.80 -25.11 13.97
C ALA A 29 -32.30 -26.16 13.01
N GLU A 30 -33.43 -26.77 13.37
CA GLU A 30 -34.01 -27.84 12.59
C GLU A 30 -34.53 -27.33 11.25
N ARG A 31 -35.12 -26.13 11.25
CA ARG A 31 -35.55 -25.49 10.00
C ARG A 31 -34.35 -25.15 9.13
N VAL A 32 -33.33 -24.57 9.74
CA VAL A 32 -32.17 -24.05 9.01
C VAL A 32 -31.32 -25.18 8.42
N GLU A 33 -31.25 -26.31 9.12
CA GLU A 33 -30.61 -27.51 8.58
C GLU A 33 -31.17 -27.89 7.19
N LYS A 34 -32.46 -27.67 6.95
CA LYS A 34 -33.05 -27.91 5.60
C LYS A 34 -32.52 -26.97 4.49
N ASN A 35 -31.82 -25.90 4.85
CA ASN A 35 -31.34 -24.91 3.85
C ASN A 35 -29.83 -24.92 3.62
N LEU A 36 -29.13 -25.81 4.32
CA LEU A 36 -27.68 -25.91 4.18
C LEU A 36 -27.33 -27.08 3.25
N ASP A 37 -26.44 -26.83 2.28
CA ASP A 37 -25.88 -27.90 1.46
C ASP A 37 -24.79 -28.60 2.27
N THR A 38 -24.26 -29.74 1.82
CA THR A 38 -23.35 -30.51 2.70
C THR A 38 -22.02 -29.80 2.97
N LEU A 39 -21.56 -28.96 2.04
CA LEU A 39 -20.34 -28.16 2.26
C LEU A 39 -20.52 -27.25 3.46
N GLU A 40 -21.70 -26.62 3.56
CA GLU A 40 -22.05 -25.79 4.71
C GLU A 40 -22.15 -26.58 6.02
N LYS A 41 -22.70 -27.79 5.94
CA LYS A 41 -22.83 -28.67 7.12
C LYS A 41 -21.46 -29.12 7.61
N GLU A 42 -20.66 -29.59 6.66
CA GLU A 42 -19.27 -29.96 6.90
C GLU A 42 -18.54 -28.79 7.55
N ALA A 43 -18.77 -27.57 7.07
CA ALA A 43 -18.13 -26.39 7.65
C ALA A 43 -18.62 -26.16 9.07
N LEU A 44 -19.92 -26.37 9.30
CA LEU A 44 -20.49 -26.30 10.63
C LEU A 44 -19.86 -27.35 11.56
N GLU A 45 -19.76 -28.59 11.07
CA GLU A 45 -19.20 -29.67 11.90
C GLU A 45 -17.74 -29.38 12.23
N LEU A 46 -16.98 -28.89 11.25
CA LEU A 46 -15.59 -28.49 11.49
C LEU A 46 -15.49 -27.40 12.55
N TYR A 47 -16.40 -26.43 12.50
CA TYR A 47 -16.47 -25.40 13.53
C TYR A 47 -16.66 -25.96 14.95
N LYS A 48 -17.56 -26.93 15.13
CA LYS A 48 -17.75 -27.53 16.47
C LYS A 48 -16.46 -28.17 16.98
N LYS A 49 -15.70 -28.81 16.09
CA LYS A 49 -14.44 -29.47 16.47
C LYS A 49 -13.30 -28.49 16.74
N ASP A 50 -13.29 -27.35 16.06
CA ASP A 50 -12.10 -26.48 16.06
C ASP A 50 -12.50 -25.00 16.09
N SER A 51 -13.14 -24.62 17.19
CA SER A 51 -13.85 -23.34 17.29
C SER A 51 -12.91 -22.15 17.42
N GLU A 52 -11.97 -22.29 18.35
CA GLU A 52 -11.08 -21.21 18.74
C GLU A 52 -10.33 -20.74 17.51
N GLN A 53 -9.67 -21.69 16.86
CA GLN A 53 -8.80 -21.40 15.73
C GLN A 53 -9.56 -20.91 14.52
N ILE A 54 -10.74 -21.45 14.27
CA ILE A 54 -11.52 -21.01 13.12
C ILE A 54 -11.97 -19.57 13.35
N SER A 55 -12.29 -19.26 14.60
CA SER A 55 -12.70 -17.91 14.98
C SER A 55 -11.51 -16.97 14.90
N ASN A 56 -10.38 -17.39 15.45
CA ASN A 56 -9.16 -16.59 15.39
C ASN A 56 -8.76 -16.27 13.95
N TYR A 57 -8.81 -17.26 13.07
CA TYR A 57 -8.54 -17.01 11.64
C TYR A 57 -9.49 -15.94 11.07
N SER A 58 -10.76 -16.00 11.45
CA SER A 58 -11.78 -15.10 10.90
C SER A 58 -11.62 -13.65 11.36
N GLN A 59 -10.78 -13.43 12.38
CA GLN A 59 -10.56 -12.08 12.90
C GLN A 59 -9.45 -11.31 12.20
N THR A 60 -8.47 -12.02 11.64
CA THR A 60 -7.27 -11.38 11.10
C THR A 60 -6.85 -11.83 9.72
N ARG A 61 -7.70 -12.62 9.07
CA ARG A 61 -7.38 -13.17 7.75
C ARG A 61 -7.14 -12.08 6.69
N GLN A 62 -7.69 -10.89 6.90
CA GLN A 62 -7.73 -9.89 5.83
C GLN A 62 -6.51 -8.95 5.74
N TYR A 63 -5.50 -9.19 6.57
CA TYR A 63 -4.38 -8.25 6.70
C TYR A 63 -3.13 -8.67 5.94
N PHE A 64 -3.19 -9.80 5.25
CA PHE A 64 -2.03 -10.34 4.54
C PHE A 64 -2.05 -9.96 3.07
N TYR A 65 -1.01 -10.35 2.33
CA TYR A 65 -1.01 -10.14 0.88
C TYR A 65 -2.24 -10.85 0.29
N ASP A 66 -2.87 -10.24 -0.70
CA ASP A 66 -3.96 -10.87 -1.42
C ASP A 66 -3.64 -12.33 -1.82
N TYR A 67 -2.42 -12.57 -2.28
CA TYR A 67 -2.04 -13.92 -2.71
C TYR A 67 -1.84 -14.89 -1.54
N GLN A 68 -1.41 -14.39 -0.39
CA GLN A 68 -1.32 -15.22 0.82
C GLN A 68 -2.70 -15.62 1.34
N ILE A 69 -3.63 -14.67 1.32
CA ILE A 69 -5.01 -14.91 1.76
C ILE A 69 -5.60 -16.03 0.92
N GLU A 70 -5.48 -15.84 -0.39
CA GLU A 70 -6.01 -16.76 -1.39
C GLU A 70 -5.42 -18.17 -1.36
N SER A 71 -4.17 -18.30 -0.92
CA SER A 71 -3.53 -19.61 -0.85
C SER A 71 -3.81 -20.30 0.44
N ASN A 72 -4.42 -19.60 1.39
CA ASN A 72 -4.58 -20.19 2.70
C ASN A 72 -5.74 -21.20 2.68
N PRO A 73 -5.46 -22.46 3.06
CA PRO A 73 -6.53 -23.48 3.03
C PRO A 73 -7.68 -23.22 4.01
N ARG A 74 -7.42 -22.42 5.05
CA ARG A 74 -8.47 -22.02 5.99
C ARG A 74 -9.55 -21.13 5.38
N GLU A 75 -9.31 -20.62 4.17
CA GLU A 75 -10.32 -19.83 3.46
C GLU A 75 -11.58 -20.61 3.13
N LYS A 76 -11.44 -21.90 2.83
CA LYS A 76 -12.60 -22.72 2.45
C LYS A 76 -13.60 -22.75 3.60
N GLU A 77 -13.10 -23.07 4.79
CA GLU A 77 -13.90 -23.10 6.01
C GLU A 77 -14.49 -21.73 6.30
N TYR A 78 -13.67 -20.69 6.19
CA TYR A 78 -14.13 -19.33 6.48
C TYR A 78 -15.29 -18.97 5.56
N LYS A 79 -15.08 -19.15 4.27
CA LYS A 79 -16.04 -18.71 3.25
C LYS A 79 -17.36 -19.50 3.32
N ASN A 80 -17.25 -20.80 3.59
CA ASN A 80 -18.42 -21.68 3.64
C ASN A 80 -19.24 -21.50 4.91
N LEU A 81 -18.56 -21.32 6.05
CA LEU A 81 -19.26 -21.01 7.31
C LEU A 81 -19.89 -19.61 7.29
N ARG A 82 -19.15 -18.63 6.75
CA ARG A 82 -19.71 -17.28 6.54
C ARG A 82 -20.99 -17.41 5.75
N ASN A 83 -20.96 -18.23 4.69
CA ASN A 83 -22.11 -18.33 3.80
C ASN A 83 -23.30 -18.98 4.49
N ALA A 84 -23.01 -19.98 5.30
CA ALA A 84 -24.01 -20.64 6.13
C ALA A 84 -24.75 -19.63 7.02
N ILE A 85 -23.99 -18.75 7.66
CA ILE A 85 -24.55 -17.72 8.55
C ILE A 85 -25.36 -16.67 7.76
N SER A 86 -24.76 -16.19 6.67
CA SER A 86 -25.38 -15.16 5.81
C SER A 86 -26.72 -15.55 5.20
N LYS A 87 -26.89 -16.84 4.94
CA LYS A 87 -28.16 -17.35 4.42
C LYS A 87 -29.35 -16.94 5.28
N ASN A 88 -29.16 -17.04 6.60
CA ASN A 88 -30.25 -17.00 7.58
C ASN A 88 -30.35 -15.68 8.31
N LYS A 89 -31.09 -14.78 7.68
CA LYS A 89 -31.29 -13.42 8.15
C LYS A 89 -32.58 -13.30 8.93
N ILE A 90 -32.49 -12.64 10.08
CA ILE A 90 -33.65 -12.44 10.94
C ILE A 90 -34.52 -11.32 10.36
N ASP A 91 -35.84 -11.49 10.46
CA ASP A 91 -36.79 -10.53 9.86
C ASP A 91 -37.22 -9.45 10.84
N LYS A 92 -36.70 -9.48 12.05
CA LYS A 92 -36.83 -8.35 12.95
C LYS A 92 -35.71 -8.44 13.98
N PRO A 93 -35.51 -7.37 14.76
CA PRO A 93 -34.40 -7.38 15.71
C PRO A 93 -34.44 -8.50 16.73
N ILE A 94 -33.28 -8.81 17.28
CA ILE A 94 -33.17 -9.74 18.39
C ILE A 94 -31.98 -9.36 19.26
N ASN A 95 -32.14 -9.56 20.57
CA ASN A 95 -31.10 -9.21 21.53
C ASN A 95 -30.37 -10.47 21.95
N VAL A 96 -29.08 -10.35 22.17
CA VAL A 96 -28.26 -11.52 22.52
C VAL A 96 -27.37 -11.22 23.70
N TYR A 97 -26.79 -12.28 24.23
CA TYR A 97 -26.05 -12.23 25.46
C TYR A 97 -24.79 -13.05 25.30
N TYR A 98 -23.68 -12.48 25.73
CA TYR A 98 -22.43 -13.20 25.81
C TYR A 98 -21.48 -12.47 26.74
N PHE A 99 -20.51 -13.21 27.23
CA PHE A 99 -19.50 -12.67 28.10
C PHE A 99 -18.31 -12.27 27.28
N GLU A 100 -17.59 -11.29 27.77
CA GLU A 100 -16.47 -10.76 27.07
C GLU A 100 -15.39 -10.42 28.07
N SER A 101 -14.14 -10.54 27.63
CA SER A 101 -13.02 -10.07 28.42
C SER A 101 -13.03 -8.55 28.36
N PRO A 102 -12.80 -7.90 29.51
CA PRO A 102 -12.80 -6.44 29.54
C PRO A 102 -11.72 -5.80 28.67
N GLU A 103 -10.59 -6.48 28.48
CA GLU A 103 -9.53 -5.93 27.65
C GLU A 103 -9.98 -5.81 26.19
N LYS A 104 -11.02 -6.55 25.82
CA LYS A 104 -11.66 -6.40 24.51
C LYS A 104 -12.12 -4.97 24.26
N PHE A 105 -12.60 -4.28 25.29
CA PHE A 105 -12.99 -2.88 25.17
C PHE A 105 -11.93 -1.98 25.81
N ALA A 106 -10.67 -2.41 25.69
CA ALA A 106 -9.50 -1.61 26.11
C ALA A 106 -9.45 -1.30 27.59
N PHE A 107 -10.08 -2.14 28.40
CA PHE A 107 -9.99 -2.01 29.84
C PHE A 107 -9.05 -3.10 30.30
N ASN A 108 -7.77 -2.75 30.43
CA ASN A 108 -6.70 -3.75 30.49
C ASN A 108 -6.36 -4.20 31.91
N LYS A 109 -7.38 -4.22 32.77
CA LYS A 109 -7.26 -4.75 34.12
C LYS A 109 -8.54 -5.50 34.47
N GLU A 110 -8.45 -6.34 35.49
CA GLU A 110 -9.60 -7.09 35.95
C GLU A 110 -10.64 -6.12 36.53
N ILE A 111 -11.91 -6.34 36.19
CA ILE A 111 -12.99 -5.62 36.86
C ILE A 111 -13.01 -6.06 38.32
N ARG A 112 -12.97 -7.37 38.52
CA ARG A 112 -12.75 -7.95 39.83
C ARG A 112 -12.13 -9.31 39.59
N THR A 113 -11.57 -9.91 40.63
CA THR A 113 -10.99 -11.25 40.50
C THR A 113 -12.17 -12.22 40.51
N GLU A 114 -11.98 -13.42 39.96
CA GLU A 114 -13.08 -14.38 39.91
C GLU A 114 -13.51 -14.82 41.32
N ASN A 115 -12.63 -14.63 42.30
CA ASN A 115 -12.94 -14.95 43.70
C ASN A 115 -13.73 -13.85 44.42
N GLN A 116 -13.55 -12.61 44.01
CA GLN A 116 -14.36 -11.51 44.55
C GLN A 116 -15.79 -11.64 44.06
N ASN A 117 -16.73 -11.20 44.88
CA ASN A 117 -18.16 -11.22 44.55
C ASN A 117 -18.69 -9.85 44.21
N GLU A 118 -17.93 -8.82 44.56
CA GLU A 118 -18.36 -7.44 44.45
C GLU A 118 -17.38 -6.67 43.59
N ILE A 119 -17.85 -5.55 43.03
CA ILE A 119 -17.06 -4.72 42.13
C ILE A 119 -17.01 -3.32 42.73
N SER A 120 -15.83 -2.75 42.91
CA SER A 120 -15.76 -1.42 43.55
C SER A 120 -16.38 -0.34 42.69
N LEU A 121 -16.75 0.76 43.34
CA LEU A 121 -17.35 1.89 42.67
C LEU A 121 -16.36 2.51 41.70
N GLU A 122 -15.10 2.63 42.12
CA GLU A 122 -14.08 3.26 41.29
C GLU A 122 -13.78 2.40 40.06
N LYS A 123 -13.65 1.09 40.27
CA LYS A 123 -13.60 0.12 39.16
C LYS A 123 -14.71 0.37 38.15
N PHE A 124 -15.92 0.56 38.66
CA PHE A 124 -17.10 0.81 37.83
C PHE A 124 -16.96 2.09 37.01
N ASN A 125 -16.57 3.18 37.66
CA ASN A 125 -16.43 4.46 36.95
C ASN A 125 -15.26 4.46 35.99
N GLU A 126 -14.21 3.75 36.36
CA GLU A 126 -13.05 3.58 35.47
C GLU A 126 -13.44 2.83 34.19
N LEU A 127 -14.23 1.76 34.33
CA LEU A 127 -14.75 1.01 33.17
C LEU A 127 -15.60 1.92 32.30
N LYS A 128 -16.47 2.68 32.95
CA LYS A 128 -17.44 3.54 32.26
C LYS A 128 -16.73 4.64 31.48
N GLU A 129 -15.71 5.22 32.11
CA GLU A 129 -14.88 6.25 31.50
C GLU A 129 -14.05 5.71 30.34
N THR A 130 -13.62 4.45 30.46
CA THR A 130 -12.90 3.77 29.39
C THR A 130 -13.80 3.45 28.20
N ILE A 131 -14.98 2.89 28.46
CA ILE A 131 -15.77 2.32 27.36
C ILE A 131 -16.89 3.17 26.76
N GLN A 132 -17.02 4.44 27.14
CA GLN A 132 -18.09 5.25 26.54
C GLN A 132 -17.62 6.38 25.63
N ASP A 133 -18.53 6.82 24.77
CA ASP A 133 -18.21 7.66 23.62
C ASP A 133 -17.22 6.94 22.69
N LYS A 134 -17.48 5.66 22.44
CA LYS A 134 -16.57 4.82 21.66
C LYS A 134 -17.28 3.77 20.86
N LEU A 135 -16.79 3.62 19.63
CA LEU A 135 -17.26 2.61 18.72
C LEU A 135 -16.17 1.57 18.68
N PHE A 136 -16.46 0.36 19.17
CA PHE A 136 -15.49 -0.72 19.14
C PHE A 136 -15.78 -1.70 18.00
N LYS A 137 -14.84 -1.79 17.06
CA LYS A 137 -14.96 -2.69 15.90
C LYS A 137 -14.90 -4.16 16.31
N GLN A 138 -15.84 -4.96 15.78
CA GLN A 138 -15.86 -6.40 16.04
C GLN A 138 -15.73 -7.19 14.75
N ASP A 139 -15.01 -8.31 14.82
CA ASP A 139 -14.82 -9.20 13.69
C ASP A 139 -14.89 -10.65 14.11
N GLY A 140 -15.31 -11.48 13.16
CA GLY A 140 -15.17 -12.91 13.26
C GLY A 140 -16.33 -13.63 13.90
N PHE A 141 -16.18 -14.93 13.97
CA PHE A 141 -17.22 -15.84 14.42
C PHE A 141 -17.36 -15.76 15.91
N LYS A 142 -18.61 -15.71 16.36
CA LYS A 142 -18.91 -15.69 17.79
C LYS A 142 -20.19 -16.47 18.11
N ASP A 143 -20.13 -17.27 19.18
CA ASP A 143 -21.31 -17.91 19.77
C ASP A 143 -21.94 -16.97 20.77
N VAL A 144 -23.25 -16.77 20.65
CA VAL A 144 -24.01 -15.88 21.53
C VAL A 144 -25.20 -16.65 22.09
N SER A 145 -25.80 -16.16 23.17
CA SER A 145 -27.00 -16.77 23.75
C SER A 145 -28.21 -15.87 23.53
N LEU A 146 -29.37 -16.47 23.29
CA LEU A 146 -30.60 -15.69 23.17
C LEU A 146 -31.24 -15.37 24.52
N TYR A 147 -30.70 -15.93 25.61
CA TYR A 147 -31.22 -15.64 26.95
C TYR A 147 -30.11 -15.20 27.91
N GLU A 148 -30.48 -14.40 28.90
CA GLU A 148 -29.56 -13.93 29.92
C GLU A 148 -29.11 -15.10 30.80
N PRO A 149 -27.80 -15.30 30.95
CA PRO A 149 -27.33 -16.37 31.82
C PRO A 149 -27.84 -16.18 33.25
N GLY A 150 -28.19 -17.29 33.90
CA GLY A 150 -28.73 -17.26 35.26
C GLY A 150 -28.07 -18.28 36.16
N ASN A 151 -28.82 -18.74 37.16
CA ASN A 151 -28.35 -19.77 38.09
C ASN A 151 -27.97 -21.07 37.35
N GLY A 152 -26.71 -21.47 37.44
CA GLY A 152 -26.21 -22.68 36.79
C GLY A 152 -25.59 -22.51 35.41
N ASP A 153 -25.71 -21.34 34.80
CA ASP A 153 -25.06 -21.07 33.51
C ASP A 153 -23.56 -20.76 33.68
N GLU A 154 -22.75 -21.15 32.70
CA GLU A 154 -21.32 -20.79 32.66
C GLU A 154 -21.10 -19.27 32.52
N LYS A 155 -20.31 -18.72 33.45
CA LYS A 155 -20.08 -17.28 33.54
C LYS A 155 -18.57 -17.00 33.69
N PRO A 156 -17.86 -16.93 32.55
CA PRO A 156 -16.39 -16.90 32.60
C PRO A 156 -15.74 -15.55 32.91
N THR A 157 -16.47 -14.45 32.80
CA THR A 157 -15.92 -13.13 33.11
C THR A 157 -16.94 -12.29 33.87
N PRO A 158 -16.49 -11.21 34.53
CA PRO A 158 -17.47 -10.31 35.15
C PRO A 158 -18.19 -9.36 34.18
N LEU A 159 -18.04 -9.54 32.87
CA LEU A 159 -18.60 -8.61 31.91
C LEU A 159 -19.55 -9.28 30.93
N LEU A 160 -20.83 -8.92 31.06
CA LEU A 160 -21.89 -9.49 30.24
C LEU A 160 -22.27 -8.46 29.18
N ILE A 161 -22.25 -8.86 27.91
CA ILE A 161 -22.68 -7.98 26.84
C ILE A 161 -24.11 -8.34 26.47
N HIS A 162 -24.97 -7.32 26.44
CA HIS A 162 -26.38 -7.46 26.10
C HIS A 162 -26.58 -6.61 24.85
N LEU A 163 -26.54 -7.28 23.70
CA LEU A 163 -26.42 -6.61 22.41
C LEU A 163 -27.68 -6.76 21.59
N LYS A 164 -28.16 -5.64 21.06
CA LYS A 164 -29.27 -5.66 20.11
C LYS A 164 -28.78 -5.79 18.67
N LEU A 165 -29.24 -6.84 17.99
CA LEU A 165 -28.91 -7.06 16.58
C LEU A 165 -30.10 -6.72 15.72
N PRO A 166 -29.87 -5.95 14.64
CA PRO A 166 -30.98 -5.46 13.86
C PRO A 166 -31.56 -6.49 12.90
N LYS A 167 -32.63 -6.08 12.24
CA LYS A 167 -33.20 -6.84 11.16
C LYS A 167 -32.14 -7.05 10.08
N ASN A 168 -32.18 -8.25 9.49
CA ASN A 168 -31.29 -8.68 8.40
C ASN A 168 -29.91 -9.14 8.89
N THR A 169 -29.73 -9.20 10.21
CA THR A 169 -28.55 -9.82 10.79
C THR A 169 -28.56 -11.33 10.52
N GLY A 170 -27.47 -11.84 9.95
CA GLY A 170 -27.31 -13.27 9.72
C GLY A 170 -27.04 -14.01 11.03
N MET A 171 -27.77 -15.09 11.28
CA MET A 171 -27.59 -15.88 12.50
C MET A 171 -27.82 -17.36 12.23
N LEU A 172 -26.96 -18.20 12.80
CA LEU A 172 -27.03 -19.63 12.50
C LEU A 172 -27.27 -20.41 13.78
N PRO A 173 -28.54 -20.82 14.02
CA PRO A 173 -28.84 -21.63 15.18
C PRO A 173 -28.42 -23.05 14.87
N TYR A 174 -27.81 -23.74 15.81
CA TYR A 174 -27.40 -25.10 15.56
C TYR A 174 -27.30 -25.90 16.84
N ILE A 175 -27.12 -27.20 16.68
CA ILE A 175 -26.98 -28.10 17.83
C ILE A 175 -25.58 -28.64 17.89
N ASN A 176 -25.04 -28.66 19.11
CA ASN A 176 -23.75 -29.27 19.33
C ASN A 176 -23.88 -30.19 20.53
N SER A 177 -23.84 -31.49 20.26
CA SER A 177 -23.99 -32.48 21.30
C SER A 177 -25.37 -32.27 21.94
N ASN A 178 -25.42 -31.79 23.18
CA ASN A 178 -26.73 -31.53 23.81
C ASN A 178 -27.05 -30.06 24.04
N ASP A 179 -26.29 -29.17 23.41
CA ASP A 179 -26.52 -27.74 23.58
C ASP A 179 -27.07 -27.14 22.30
N VAL A 180 -28.02 -26.23 22.45
CA VAL A 180 -28.47 -25.43 21.33
C VAL A 180 -27.64 -24.17 21.34
N LYS A 181 -27.12 -23.80 20.18
CA LYS A 181 -26.23 -22.66 20.08
C LYS A 181 -26.63 -21.73 18.96
N THR A 182 -25.99 -20.58 18.94
CA THR A 182 -26.29 -19.55 17.97
C THR A 182 -24.99 -18.89 17.51
N LEU A 183 -24.73 -18.97 16.21
CA LEU A 183 -23.49 -18.46 15.62
C LEU A 183 -23.73 -17.21 14.78
N ILE A 184 -22.88 -16.21 14.99
CA ILE A 184 -22.88 -15.00 14.17
C ILE A 184 -21.47 -14.75 13.63
N GLU A 185 -21.35 -13.99 12.55
CA GLU A 185 -20.06 -13.43 12.17
C GLU A 185 -20.13 -11.93 12.39
N GLN A 186 -19.37 -11.43 13.36
CA GLN A 186 -19.40 -10.01 13.68
C GLN A 186 -18.80 -9.24 12.50
N ASP A 187 -19.47 -8.15 12.11
CA ASP A 187 -19.04 -7.35 10.97
C ASP A 187 -19.58 -5.93 11.14
N TYR A 188 -19.34 -5.36 12.32
CA TYR A 188 -19.94 -4.09 12.70
C TYR A 188 -19.11 -3.56 13.86
N SER A 189 -19.40 -2.33 14.27
CA SER A 189 -18.82 -1.79 15.49
C SER A 189 -19.88 -1.77 16.56
N ILE A 190 -19.50 -1.92 17.81
CA ILE A 190 -20.47 -1.77 18.89
C ILE A 190 -20.27 -0.48 19.69
N LYS A 191 -21.40 0.07 20.13
CA LYS A 191 -21.52 1.25 20.97
C LYS A 191 -22.07 0.75 22.31
N ILE A 192 -21.37 0.99 23.40
CA ILE A 192 -21.89 0.62 24.72
C ILE A 192 -22.76 1.77 25.18
N ASP A 193 -24.07 1.60 25.12
CA ASP A 193 -24.98 2.70 25.43
C ASP A 193 -25.08 2.97 26.94
N LYS A 194 -25.01 1.90 27.72
CA LYS A 194 -25.09 1.99 29.18
C LYS A 194 -24.46 0.76 29.83
N ILE A 195 -23.75 0.98 30.93
CA ILE A 195 -23.42 -0.15 31.81
C ILE A 195 -24.19 -0.06 33.12
N VAL A 196 -24.50 -1.23 33.66
CA VAL A 196 -25.11 -1.35 34.97
C VAL A 196 -24.53 -2.54 35.70
N ARG A 197 -24.46 -2.41 37.01
CA ARG A 197 -24.04 -3.49 37.88
C ARG A 197 -25.21 -4.34 38.30
N ILE A 198 -25.18 -5.63 37.95
CA ILE A 198 -26.20 -6.59 38.37
C ILE A 198 -25.57 -7.66 39.27
N VAL A 199 -26.38 -8.54 39.84
CA VAL A 199 -25.83 -9.78 40.43
C VAL A 199 -26.48 -11.02 39.86
N ILE A 200 -25.64 -12.03 39.65
CA ILE A 200 -26.06 -13.35 39.25
C ILE A 200 -25.39 -14.36 40.16
N GLU A 201 -26.18 -15.29 40.69
CA GLU A 201 -25.72 -16.29 41.65
C GLU A 201 -24.71 -15.77 42.65
N GLY A 202 -25.03 -14.66 43.30
CA GLY A 202 -24.22 -14.18 44.41
C GLY A 202 -22.95 -13.41 44.04
N LYS A 203 -22.80 -13.04 42.77
CA LYS A 203 -21.67 -12.23 42.36
C LYS A 203 -22.11 -11.06 41.51
N GLN A 204 -21.42 -9.94 41.66
CA GLN A 204 -21.67 -8.78 40.85
C GLN A 204 -20.99 -8.92 39.48
N TYR A 205 -21.75 -8.56 38.44
CA TYR A 205 -21.30 -8.54 37.06
C TYR A 205 -21.58 -7.16 36.50
N ILE A 206 -20.80 -6.72 35.53
CA ILE A 206 -21.18 -5.55 34.73
C ILE A 206 -21.98 -6.04 33.55
N LYS A 207 -23.12 -5.41 33.30
CA LYS A 207 -23.93 -5.71 32.13
C LYS A 207 -23.89 -4.52 31.22
N ALA A 208 -23.44 -4.73 29.99
CA ALA A 208 -23.31 -3.65 29.03
C ALA A 208 -24.45 -3.68 28.02
N GLU A 209 -25.27 -2.63 28.06
CA GLU A 209 -26.35 -2.43 27.10
C GLU A 209 -25.74 -1.88 25.83
N ALA A 210 -25.74 -2.67 24.77
CA ALA A 210 -24.95 -2.33 23.61
C ALA A 210 -25.78 -2.43 22.34
N SER A 211 -25.42 -1.60 21.37
CA SER A 211 -26.02 -1.66 20.05
C SER A 211 -24.93 -1.58 18.99
N ILE A 212 -25.36 -1.65 17.75
CA ILE A 212 -24.47 -1.82 16.63
C ILE A 212 -24.46 -0.60 15.73
N VAL A 213 -23.27 -0.27 15.22
CA VAL A 213 -23.15 0.70 14.13
C VAL A 213 -22.54 -0.03 12.94
N ASN A 214 -23.25 0.02 11.82
CA ASN A 214 -22.82 -0.59 10.58
C ASN A 214 -21.95 0.36 9.80
N SER A 215 -20.94 -0.20 9.13
CA SER A 215 -20.08 0.54 8.23
C SER A 215 -19.66 -0.37 7.09
N LEU A 216 -19.49 0.21 5.90
CA LEU A 216 -18.90 -0.53 4.80
C LEU A 216 -17.47 -0.87 5.18
N ASP A 217 -17.16 -2.16 5.28
CA ASP A 217 -15.80 -2.61 5.50
C ASP A 217 -15.44 -3.62 4.39
N PHE A 218 -14.66 -3.20 3.39
CA PHE A 218 -14.34 -4.09 2.26
C PHE A 218 -13.26 -5.11 2.56
N LYS A 219 -12.47 -4.85 3.59
CA LYS A 219 -11.39 -5.76 3.98
C LYS A 219 -10.50 -6.09 2.77
N ASP A 220 -10.38 -7.37 2.43
CA ASP A 220 -9.54 -7.81 1.32
C ASP A 220 -10.25 -7.77 -0.02
N ASP A 221 -11.56 -7.48 -0.02
CA ASP A 221 -12.31 -7.44 -1.26
C ASP A 221 -12.12 -6.08 -1.89
N VAL A 222 -10.91 -5.83 -2.39
CA VAL A 222 -10.63 -4.51 -2.96
C VAL A 222 -11.40 -4.24 -4.27
N SER A 223 -11.79 -5.28 -5.00
CA SER A 223 -12.54 -5.10 -6.25
C SER A 223 -13.91 -4.53 -5.99
N LYS A 224 -14.57 -5.07 -4.97
CA LYS A 224 -15.87 -4.57 -4.59
C LYS A 224 -15.72 -3.14 -4.08
N GLY A 225 -14.73 -2.92 -3.23
CA GLY A 225 -14.41 -1.57 -2.76
C GLY A 225 -14.17 -0.57 -3.88
N ASP A 226 -13.40 -1.00 -4.88
CA ASP A 226 -13.00 -0.12 -5.98
C ASP A 226 -14.21 0.17 -6.86
N LEU A 227 -15.06 -0.83 -7.05
CA LEU A 227 -16.33 -0.65 -7.74
C LEU A 227 -17.14 0.41 -7.01
N TRP A 228 -17.20 0.28 -5.68
CA TRP A 228 -17.98 1.19 -4.87
C TRP A 228 -17.43 2.61 -4.99
N GLY A 229 -16.11 2.73 -4.89
CA GLY A 229 -15.45 4.04 -4.99
C GLY A 229 -15.62 4.71 -6.35
N LYS A 230 -15.40 3.95 -7.42
CA LYS A 230 -15.53 4.47 -8.79
C LYS A 230 -16.97 4.94 -9.05
N GLU A 231 -17.95 4.09 -8.73
CA GLU A 231 -19.36 4.44 -8.93
C GLU A 231 -19.91 5.49 -7.94
N ASN A 232 -19.10 5.95 -6.97
CA ASN A 232 -19.48 7.08 -6.12
C ASN A 232 -18.70 8.37 -6.41
N TYR A 233 -17.50 8.25 -6.98
CA TYR A 233 -16.64 9.41 -7.26
C TYR A 233 -16.22 9.56 -8.73
N SER A 234 -16.94 8.91 -9.66
CA SER A 234 -16.70 9.13 -11.09
C SER A 234 -16.92 10.59 -11.48
N ASP A 235 -18.07 11.12 -11.10
CA ASP A 235 -18.43 12.52 -11.37
C ASP A 235 -17.50 13.53 -10.69
N TRP A 236 -16.69 13.06 -9.76
CA TRP A 236 -16.09 13.93 -8.74
C TRP A 236 -15.07 14.92 -9.30
N SER A 237 -14.22 14.46 -10.22
CA SER A 237 -13.25 15.37 -10.87
C SER A 237 -13.91 16.16 -12.00
N ASN A 238 -15.21 15.96 -12.22
CA ASN A 238 -16.00 16.82 -13.10
C ASN A 238 -16.53 18.01 -12.33
N LYS A 239 -16.82 17.80 -11.04
CA LYS A 239 -17.42 18.82 -10.21
C LYS A 239 -16.40 19.76 -9.56
N LEU A 240 -15.11 19.51 -9.76
CA LEU A 240 -14.08 20.43 -9.28
C LEU A 240 -13.95 21.63 -10.20
N THR A 241 -13.99 22.80 -9.59
CA THR A 241 -13.62 24.03 -10.27
C THR A 241 -12.19 23.84 -10.76
N PRO A 242 -11.83 24.44 -11.91
CA PRO A 242 -10.52 24.13 -12.51
C PRO A 242 -9.34 24.44 -11.58
N ASN A 243 -9.53 25.45 -10.74
CA ASN A 243 -8.53 25.87 -9.74
C ASN A 243 -8.25 24.76 -8.71
N GLU A 244 -9.27 23.98 -8.38
CA GLU A 244 -9.16 22.90 -7.40
C GLU A 244 -8.51 21.66 -8.00
N LEU A 245 -8.88 21.39 -9.25
CA LEU A 245 -8.40 20.24 -10.01
C LEU A 245 -6.87 20.24 -10.21
N ALA A 246 -6.28 21.42 -10.30
CA ALA A 246 -4.83 21.57 -10.48
C ALA A 246 -4.09 21.24 -9.19
N ASP A 247 -4.44 21.98 -8.14
CA ASP A 247 -3.88 21.78 -6.79
C ASP A 247 -4.01 20.32 -6.30
N VAL A 248 -5.17 19.71 -6.52
CA VAL A 248 -5.36 18.27 -6.28
C VAL A 248 -4.29 17.44 -7.00
N ASN A 249 -4.19 17.63 -8.30
CA ASN A 249 -3.20 16.91 -9.11
C ASN A 249 -1.77 17.23 -8.70
N ASP A 250 -1.51 18.50 -8.42
CA ASP A 250 -0.22 18.93 -7.88
C ASP A 250 0.09 18.14 -6.61
N TYR A 251 -0.86 18.14 -5.67
CA TYR A 251 -0.74 17.33 -4.42
C TYR A 251 -0.42 15.89 -4.78
N MET A 252 -1.27 15.35 -5.64
CA MET A 252 -1.23 13.94 -6.02
C MET A 252 0.08 13.52 -6.68
N ARG A 253 0.66 14.42 -7.49
CA ARG A 253 1.86 14.08 -8.25
C ARG A 253 3.12 14.61 -7.56
N GLY A 254 3.19 14.42 -6.25
CA GLY A 254 4.38 14.75 -5.46
C GLY A 254 4.35 16.05 -4.68
N GLY A 255 3.36 16.91 -4.94
CA GLY A 255 3.17 18.13 -4.14
C GLY A 255 2.87 17.88 -2.66
N TYR A 256 2.33 16.71 -2.34
CA TYR A 256 1.89 16.42 -0.96
C TYR A 256 2.99 16.61 0.07
N THR A 257 4.23 16.37 -0.32
CA THR A 257 5.37 16.47 0.58
C THR A 257 5.60 17.92 1.02
N ALA A 258 5.59 18.84 0.05
CA ALA A 258 5.71 20.27 0.35
C ALA A 258 4.51 20.78 1.16
N ILE A 259 3.30 20.42 0.72
CA ILE A 259 2.08 20.88 1.37
C ILE A 259 1.95 20.39 2.80
N ASN A 260 2.23 19.10 3.00
CA ASN A 260 2.11 18.49 4.32
C ASN A 260 3.22 18.87 5.28
N ASN A 261 4.47 19.00 4.80
CA ASN A 261 5.55 19.46 5.68
C ASN A 261 5.34 20.91 6.10
N TYR A 262 4.67 21.67 5.23
CA TYR A 262 4.22 23.03 5.55
C TYR A 262 3.20 23.03 6.70
N LEU A 263 2.18 22.18 6.60
CA LEU A 263 1.16 22.07 7.64
C LEU A 263 1.75 21.59 8.96
N ILE A 264 2.54 20.52 8.89
CA ILE A 264 3.16 19.93 10.08
C ILE A 264 4.07 20.92 10.82
N SER A 265 4.74 21.78 10.07
CA SER A 265 5.65 22.78 10.66
C SER A 265 4.95 24.07 11.10
N ASN A 266 3.61 24.08 11.06
CA ASN A 266 2.82 25.29 11.35
C ASN A 266 3.26 26.47 10.50
N GLY A 267 3.57 26.18 9.24
CA GLY A 267 3.96 27.21 8.29
C GLY A 267 2.97 28.37 8.27
N PRO A 268 1.66 28.06 8.06
CA PRO A 268 0.68 29.16 7.97
C PRO A 268 0.65 30.13 9.15
N LEU A 269 1.22 29.71 10.29
CA LEU A 269 1.46 30.60 11.44
C LEU A 269 2.91 31.10 11.50
N ASN A 270 3.87 30.20 11.24
CA ASN A 270 5.30 30.51 11.40
C ASN A 270 5.86 31.34 10.25
N ASN A 271 6.04 30.70 9.10
CA ASN A 271 6.47 31.39 7.88
C ASN A 271 5.38 31.22 6.82
N PRO A 272 4.23 31.92 7.01
CA PRO A 272 3.08 31.87 6.11
C PRO A 272 3.42 31.98 4.64
N ASN A 273 2.54 31.43 3.82
CA ASN A 273 2.79 31.31 2.40
C ASN A 273 1.45 31.28 1.70
N PRO A 274 1.14 32.32 0.90
CA PRO A 274 -0.21 32.49 0.39
C PRO A 274 -0.58 31.51 -0.72
N GLU A 275 0.42 31.12 -1.52
CA GLU A 275 0.18 30.33 -2.74
C GLU A 275 -0.37 28.99 -2.32
N LEU A 276 0.42 28.28 -1.53
CA LEU A 276 0.09 26.91 -1.13
C LEU A 276 -0.92 26.91 0.03
N ASP A 277 -1.18 28.08 0.61
CA ASP A 277 -2.35 28.28 1.46
C ASP A 277 -3.63 28.15 0.65
N SER A 278 -3.70 28.81 -0.50
CA SER A 278 -4.86 28.65 -1.38
C SER A 278 -4.93 27.20 -1.88
N LYS A 279 -3.79 26.52 -1.88
CA LYS A 279 -3.73 25.10 -2.26
C LYS A 279 -4.39 24.19 -1.22
N VAL A 280 -4.06 24.42 0.05
CA VAL A 280 -4.69 23.73 1.16
C VAL A 280 -6.20 23.96 1.19
N ASN A 281 -6.62 25.17 0.84
CA ASN A 281 -8.03 25.54 0.83
C ASN A 281 -8.77 24.87 -0.31
N ASN A 282 -8.09 24.76 -1.44
CA ASN A 282 -8.67 24.16 -2.64
C ASN A 282 -8.81 22.64 -2.51
N ILE A 283 -7.76 22.00 -1.98
CA ILE A 283 -7.76 20.56 -1.75
C ILE A 283 -8.82 20.19 -0.71
N GLU A 284 -8.90 20.99 0.35
CA GLU A 284 -9.92 20.82 1.40
C GLU A 284 -11.34 20.85 0.82
N ASN A 285 -11.68 21.94 0.14
CA ASN A 285 -13.01 22.05 -0.47
C ASN A 285 -13.25 21.01 -1.56
N ALA A 286 -12.18 20.54 -2.19
CA ALA A 286 -12.29 19.40 -3.10
C ALA A 286 -12.72 18.16 -2.32
N LEU A 287 -12.24 18.04 -1.08
CA LEU A 287 -12.65 16.92 -0.21
C LEU A 287 -14.06 17.09 0.33
N LYS A 288 -14.55 18.32 0.36
CA LYS A 288 -15.92 18.59 0.76
C LYS A 288 -16.91 18.43 -0.40
N LEU A 289 -16.41 18.13 -1.59
CA LEU A 289 -17.26 18.14 -2.79
C LEU A 289 -18.24 16.97 -2.87
N THR A 290 -17.74 15.74 -2.78
CA THR A 290 -18.59 14.57 -2.53
C THR A 290 -18.14 13.96 -1.20
N PRO A 291 -18.80 14.35 -0.09
CA PRO A 291 -18.43 13.76 1.20
C PRO A 291 -18.70 12.26 1.23
N ILE A 292 -17.93 11.55 2.03
CA ILE A 292 -18.00 10.10 2.12
C ILE A 292 -19.46 9.69 2.32
N PRO A 293 -20.06 9.02 1.31
CA PRO A 293 -21.51 8.78 1.25
C PRO A 293 -22.06 7.62 2.09
N SER A 294 -21.21 6.89 2.81
CA SER A 294 -21.67 5.94 3.83
C SER A 294 -20.65 5.91 4.95
N ASN A 295 -21.04 5.40 6.11
CA ASN A 295 -20.05 5.05 7.11
C ASN A 295 -19.11 4.05 6.46
N LEU A 296 -17.82 4.24 6.67
CA LEU A 296 -16.81 3.53 5.91
C LEU A 296 -15.62 3.20 6.78
N ILE A 297 -15.09 1.98 6.63
CA ILE A 297 -13.84 1.63 7.25
C ILE A 297 -12.73 1.81 6.24
N VAL A 298 -11.65 2.48 6.63
CA VAL A 298 -10.45 2.54 5.81
C VAL A 298 -9.24 2.14 6.62
N TYR A 299 -8.16 1.85 5.91
CA TYR A 299 -6.95 1.33 6.51
C TYR A 299 -5.76 2.16 6.10
N ARG A 300 -4.82 2.32 7.02
CA ARG A 300 -3.58 3.01 6.71
C ARG A 300 -2.45 2.28 7.41
N ARG A 301 -1.46 1.82 6.65
CA ARG A 301 -0.25 1.29 7.27
C ARG A 301 0.71 2.45 7.54
N SER A 302 0.87 2.76 8.83
CA SER A 302 1.52 3.99 9.24
C SER A 302 3.02 3.80 9.37
N GLY A 303 3.76 4.87 9.09
CA GLY A 303 5.17 4.93 9.42
C GLY A 303 5.32 5.09 10.92
N PRO A 304 6.37 4.48 11.50
CA PRO A 304 6.57 4.51 12.95
C PRO A 304 6.70 5.92 13.56
N GLN A 305 7.11 6.89 12.75
CA GLN A 305 7.32 8.27 13.24
C GLN A 305 5.99 9.04 13.42
N GLU A 306 4.90 8.51 12.87
CA GLU A 306 3.56 9.01 13.20
C GLU A 306 3.22 8.77 14.66
N PHE A 307 3.95 7.83 15.27
CA PHE A 307 3.76 7.46 16.66
C PHE A 307 5.06 7.59 17.45
N GLY A 308 5.91 8.53 17.04
CA GLY A 308 7.12 8.89 17.76
C GLY A 308 8.19 7.81 17.86
N LEU A 309 8.23 6.93 16.86
CA LEU A 309 9.20 5.85 16.81
C LEU A 309 9.98 5.88 15.50
N THR A 310 11.06 5.10 15.47
CA THR A 310 11.82 4.86 14.25
C THR A 310 11.96 3.36 14.07
N LEU A 311 12.47 2.98 12.90
CA LEU A 311 12.73 1.58 12.57
C LEU A 311 13.57 0.92 13.62
N THR A 312 14.45 1.70 14.22
CA THR A 312 15.49 1.19 15.09
C THR A 312 15.16 1.37 16.58
N SER A 313 14.09 2.12 16.88
CA SER A 313 13.58 2.24 18.25
C SER A 313 13.36 0.86 18.88
N PRO A 314 14.00 0.59 20.03
CA PRO A 314 13.69 -0.69 20.68
C PRO A 314 12.23 -0.88 21.09
N GLU A 315 11.47 0.22 21.26
CA GLU A 315 10.06 0.09 21.62
C GLU A 315 9.13 -0.13 20.39
N TYR A 316 9.72 -0.20 19.20
CA TYR A 316 9.01 -0.61 17.98
C TYR A 316 9.05 -2.14 17.84
N ASP A 317 9.81 -2.81 18.70
CA ASP A 317 9.79 -4.28 18.73
C ASP A 317 8.58 -4.84 19.50
N PHE A 318 7.48 -5.03 18.77
CA PHE A 318 6.23 -5.47 19.37
C PHE A 318 6.15 -6.98 19.58
N ASN A 319 7.18 -7.70 19.16
CA ASN A 319 7.30 -9.09 19.56
C ASN A 319 7.47 -9.21 21.07
N LYS A 320 8.03 -8.17 21.70
CA LYS A 320 8.11 -8.11 23.16
C LYS A 320 6.86 -7.46 23.76
N ILE A 321 6.17 -8.24 24.59
CA ILE A 321 4.85 -7.88 25.14
C ILE A 321 4.82 -6.51 25.85
N GLU A 322 5.88 -6.20 26.58
CA GLU A 322 5.98 -4.95 27.34
C GLU A 322 6.03 -3.73 26.42
N ASN A 323 6.52 -3.93 25.20
CA ASN A 323 6.51 -2.85 24.20
C ASN A 323 5.10 -2.58 23.69
N ILE A 324 4.32 -3.65 23.56
CA ILE A 324 2.88 -3.54 23.30
C ILE A 324 2.17 -2.83 24.46
N ASP A 325 2.48 -3.24 25.71
CA ASP A 325 1.89 -2.60 26.90
C ASP A 325 2.21 -1.12 26.88
N ALA A 326 3.48 -0.80 26.68
CA ALA A 326 3.93 0.58 26.64
C ALA A 326 3.18 1.38 25.57
N PHE A 327 2.94 0.78 24.40
CA PHE A 327 2.30 1.49 23.29
C PHE A 327 0.85 1.80 23.64
N LYS A 328 0.14 0.79 24.14
CA LYS A 328 -1.19 0.98 24.69
C LYS A 328 -1.25 2.09 25.74
N GLU A 329 -0.35 2.01 26.72
CA GLU A 329 -0.28 3.00 27.79
C GLU A 329 -0.13 4.40 27.21
N LYS A 330 0.70 4.55 26.18
CA LYS A 330 0.84 5.84 25.51
C LYS A 330 -0.38 6.26 24.69
N TRP A 331 -0.93 5.34 23.89
CA TRP A 331 -1.85 5.77 22.82
C TRP A 331 -3.29 5.29 22.90
N GLU A 332 -3.54 4.15 23.55
CA GLU A 332 -4.89 3.60 23.54
C GLU A 332 -5.79 4.55 24.29
N GLY A 333 -6.92 4.91 23.69
CA GLY A 333 -7.87 5.80 24.31
C GLY A 333 -7.56 7.27 24.10
N LYS A 334 -6.46 7.56 23.43
CA LYS A 334 -6.07 8.94 23.18
C LYS A 334 -6.59 9.37 21.83
N VAL A 335 -6.75 10.69 21.68
CA VAL A 335 -7.04 11.28 20.40
C VAL A 335 -5.74 11.77 19.80
N ILE A 336 -5.73 11.79 18.48
CA ILE A 336 -4.52 11.91 17.71
C ILE A 336 -4.84 12.81 16.55
N THR A 337 -3.94 13.72 16.24
CA THR A 337 -4.21 14.71 15.19
C THR A 337 -3.11 14.76 14.14
N TYR A 338 -3.55 14.80 12.88
CA TYR A 338 -2.67 14.90 11.72
C TYR A 338 -2.80 16.29 11.12
N PRO A 339 -1.81 17.17 11.37
CA PRO A 339 -1.93 18.49 10.75
C PRO A 339 -1.94 18.40 9.22
N ASN A 340 -1.33 17.34 8.69
CA ASN A 340 -1.29 17.08 7.24
C ASN A 340 -2.56 16.42 6.73
N PHE A 341 -2.76 16.48 5.42
CA PHE A 341 -3.69 15.59 4.74
C PHE A 341 -3.16 14.17 4.94
N ILE A 342 -4.06 13.19 5.02
CA ILE A 342 -3.61 11.79 5.08
C ILE A 342 -4.34 10.82 4.18
N SER A 343 -3.53 9.91 3.65
CA SER A 343 -3.95 8.84 2.78
C SER A 343 -4.31 7.57 3.55
N THR A 344 -5.39 6.96 3.12
CA THR A 344 -5.88 5.69 3.66
C THR A 344 -6.32 4.84 2.47
N SER A 345 -6.60 3.57 2.71
CA SER A 345 -7.14 2.70 1.66
C SER A 345 -8.43 2.01 2.08
N ILE A 346 -9.23 1.69 1.06
CA ILE A 346 -10.44 0.87 1.14
C ILE A 346 -10.10 -0.60 1.48
N GLY A 347 -8.86 -0.97 1.24
CA GLY A 347 -8.39 -2.34 1.40
C GLY A 347 -7.55 -2.52 2.64
N SER A 348 -7.66 -3.71 3.22
CA SER A 348 -6.94 -4.07 4.44
C SER A 348 -5.68 -4.86 4.13
N VAL A 349 -5.57 -5.35 2.90
CA VAL A 349 -4.46 -6.24 2.50
C VAL A 349 -3.10 -5.55 2.63
N ASN A 350 -2.09 -6.35 2.98
CA ASN A 350 -0.72 -5.87 2.95
C ASN A 350 -0.29 -5.62 1.50
N MET A 351 0.71 -4.77 1.31
CA MET A 351 1.20 -4.44 -0.03
C MET A 351 2.70 -4.25 -0.02
N SER A 352 3.31 -4.48 -1.19
CA SER A 352 4.77 -4.41 -1.34
C SER A 352 5.36 -3.15 -0.74
N ALA A 353 4.74 -2.01 -1.01
CA ALA A 353 5.32 -0.72 -0.63
C ALA A 353 5.36 -0.50 0.88
N PHE A 354 4.42 -1.11 1.61
CA PHE A 354 4.37 -0.99 3.07
C PHE A 354 4.50 -2.35 3.77
N ALA A 355 5.08 -3.33 3.09
CA ALA A 355 5.07 -4.72 3.55
C ALA A 355 5.54 -4.93 4.98
N LYS A 356 6.47 -4.10 5.44
CA LYS A 356 7.07 -4.29 6.76
C LYS A 356 6.55 -3.33 7.84
N ARG A 357 5.66 -2.41 7.48
CA ARG A 357 5.13 -1.47 8.47
C ARG A 357 4.31 -2.23 9.50
N LYS A 358 4.52 -1.89 10.77
CA LYS A 358 3.96 -2.68 11.87
C LYS A 358 2.68 -2.12 12.47
N ILE A 359 2.35 -0.88 12.15
CA ILE A 359 1.24 -0.20 12.77
C ILE A 359 0.16 0.12 11.75
N ILE A 360 -0.98 -0.52 11.94
CA ILE A 360 -2.10 -0.37 11.03
C ILE A 360 -3.20 0.41 11.73
N LEU A 361 -3.63 1.46 11.07
CA LEU A 361 -4.67 2.35 11.59
C LEU A 361 -5.93 1.93 10.83
N ARG A 362 -6.94 1.47 11.58
CA ARG A 362 -8.18 0.97 10.98
C ARG A 362 -9.28 1.92 11.42
N ILE A 363 -9.70 2.79 10.51
CA ILE A 363 -10.38 4.00 10.90
C ILE A 363 -11.85 3.96 10.53
N ASN A 364 -12.70 4.35 11.48
CA ASN A 364 -14.12 4.55 11.21
C ASN A 364 -14.37 5.99 10.79
N ILE A 365 -14.96 6.13 9.61
CA ILE A 365 -15.27 7.42 9.00
C ILE A 365 -16.78 7.55 8.93
N PRO A 366 -17.36 8.46 9.71
CA PRO A 366 -18.79 8.66 9.62
C PRO A 366 -19.22 9.13 8.25
N LYS A 367 -20.40 8.70 7.85
CA LYS A 367 -21.01 9.23 6.66
C LYS A 367 -20.97 10.76 6.66
N ASP A 368 -20.74 11.30 5.46
CA ASP A 368 -20.60 12.75 5.20
C ASP A 368 -19.32 13.40 5.72
N SER A 369 -18.39 12.62 6.25
CA SER A 369 -17.10 13.23 6.57
C SER A 369 -16.50 13.74 5.27
N PRO A 370 -15.63 14.76 5.36
CA PRO A 370 -14.91 15.15 4.16
C PRO A 370 -13.94 14.05 3.77
N GLY A 371 -13.85 13.81 2.47
CA GLY A 371 -12.84 12.91 1.92
C GLY A 371 -13.19 12.54 0.49
N ALA A 372 -12.26 11.86 -0.18
CA ALA A 372 -12.56 11.38 -1.53
C ALA A 372 -11.81 10.12 -1.93
N TYR A 373 -12.47 9.30 -2.73
CA TYR A 373 -11.85 8.15 -3.35
C TYR A 373 -11.02 8.63 -4.54
N LEU A 374 -9.77 8.99 -4.25
CA LEU A 374 -8.86 9.53 -5.26
C LEU A 374 -8.55 8.52 -6.34
N SER A 375 -8.62 7.23 -5.98
CA SER A 375 -8.35 6.17 -6.92
C SER A 375 -9.51 5.94 -7.91
N ALA A 376 -10.48 6.86 -7.94
CA ALA A 376 -11.43 6.96 -9.07
C ALA A 376 -10.82 7.78 -10.23
N ILE A 377 -9.63 8.35 -9.99
CA ILE A 377 -8.80 8.94 -11.04
C ILE A 377 -7.90 7.86 -11.63
N PRO A 378 -7.98 7.61 -12.95
CA PRO A 378 -7.19 6.52 -13.56
C PRO A 378 -5.67 6.67 -13.40
N GLY A 379 -5.03 5.68 -12.76
CA GLY A 379 -3.58 5.64 -12.63
C GLY A 379 -2.94 6.40 -11.48
N TYR A 380 -3.73 6.74 -10.46
CA TYR A 380 -3.16 7.38 -9.27
C TYR A 380 -2.31 6.40 -8.45
N ALA A 381 -1.12 6.86 -8.04
CA ALA A 381 -0.17 6.09 -7.22
C ALA A 381 -0.77 5.30 -6.04
N GLY A 382 -1.66 5.94 -5.29
CA GLY A 382 -2.33 5.32 -4.15
C GLY A 382 -3.23 4.16 -4.53
N GLU A 383 -3.05 3.03 -3.87
CA GLU A 383 -3.81 1.81 -4.17
C GLU A 383 -5.16 1.85 -3.45
N TYR A 384 -6.24 2.03 -4.21
CA TYR A 384 -7.61 2.06 -3.67
C TYR A 384 -7.76 3.15 -2.60
N GLU A 385 -7.23 4.34 -2.90
CA GLU A 385 -6.99 5.31 -1.85
C GLU A 385 -8.16 6.25 -1.57
N VAL A 386 -8.32 6.54 -0.28
CA VAL A 386 -9.24 7.56 0.19
C VAL A 386 -8.41 8.60 0.91
N LEU A 387 -8.58 9.86 0.50
CA LEU A 387 -7.81 10.93 1.09
C LEU A 387 -8.68 11.67 2.09
N LEU A 388 -8.13 11.85 3.29
CA LEU A 388 -8.82 12.54 4.36
C LEU A 388 -8.21 13.91 4.58
N ASN A 389 -9.05 14.83 5.05
CA ASN A 389 -8.71 16.23 5.19
C ASN A 389 -7.62 16.51 6.23
N HIS A 390 -6.88 17.58 6.01
CA HIS A 390 -5.85 18.06 6.94
C HIS A 390 -6.48 18.35 8.30
N GLY A 391 -5.71 18.14 9.36
CA GLY A 391 -6.21 18.40 10.71
C GLY A 391 -7.21 17.38 11.22
N SER A 392 -7.28 16.21 10.58
CA SER A 392 -8.20 15.17 11.02
C SER A 392 -7.79 14.67 12.38
N LYS A 393 -8.80 14.37 13.21
CA LYS A 393 -8.59 13.85 14.54
C LYS A 393 -9.17 12.45 14.66
N PHE A 394 -8.41 11.56 15.27
CA PHE A 394 -8.79 10.16 15.38
C PHE A 394 -8.70 9.71 16.82
N LYS A 395 -9.81 9.22 17.35
CA LYS A 395 -9.82 8.61 18.65
C LYS A 395 -9.38 7.16 18.49
N ILE A 396 -8.36 6.79 19.25
CA ILE A 396 -7.90 5.41 19.28
C ILE A 396 -8.68 4.65 20.37
N ASN A 397 -9.61 3.82 19.91
CA ASN A 397 -10.52 3.09 20.79
C ASN A 397 -9.83 1.90 21.45
N LYS A 398 -8.98 1.24 20.68
CA LYS A 398 -8.48 -0.06 21.06
C LYS A 398 -7.30 -0.49 20.20
N VAL A 399 -6.33 -1.14 20.84
CA VAL A 399 -5.16 -1.71 20.19
C VAL A 399 -5.15 -3.24 20.30
N ASP A 400 -5.12 -3.89 19.14
CA ASP A 400 -4.95 -5.33 19.00
C ASP A 400 -3.60 -5.61 18.39
N SER A 401 -3.20 -6.88 18.44
CA SER A 401 -1.95 -7.29 17.85
C SER A 401 -2.17 -8.61 17.15
N TYR A 402 -1.40 -8.85 16.10
CA TYR A 402 -1.41 -10.12 15.41
C TYR A 402 -0.04 -10.45 14.86
N LYS A 403 0.11 -11.68 14.42
CA LYS A 403 1.37 -12.21 13.96
C LYS A 403 1.34 -12.24 12.42
N ASP A 404 2.28 -11.53 11.79
CA ASP A 404 2.52 -11.61 10.35
C ASP A 404 3.82 -12.36 10.16
N GLY A 405 3.74 -13.66 9.90
CA GLY A 405 4.93 -14.50 9.95
C GLY A 405 5.44 -14.50 11.37
N THR A 406 6.68 -14.07 11.57
CA THR A 406 7.27 -14.02 12.90
C THR A 406 7.17 -12.63 13.51
N VAL A 407 6.60 -11.67 12.78
CA VAL A 407 6.58 -10.28 13.21
C VAL A 407 5.20 -9.91 13.78
N THR A 408 5.22 -9.30 14.97
CA THR A 408 4.01 -8.81 15.61
C THR A 408 3.68 -7.42 15.11
N LYS A 409 2.47 -7.26 14.58
CA LYS A 409 1.98 -5.97 14.13
C LYS A 409 0.77 -5.57 14.96
N LEU A 410 0.48 -4.28 14.93
CA LEU A 410 -0.61 -3.68 15.70
C LEU A 410 -1.75 -3.23 14.78
N ILE A 411 -2.99 -3.41 15.24
CA ILE A 411 -4.15 -2.80 14.60
C ILE A 411 -4.79 -1.81 15.57
N LEU A 412 -4.79 -0.55 15.18
CA LEU A 412 -5.40 0.52 15.97
C LEU A 412 -6.82 0.77 15.48
N ASP A 413 -7.78 0.26 16.26
CA ASP A 413 -9.20 0.52 16.06
C ASP A 413 -9.45 1.98 16.41
N ALA A 414 -9.77 2.77 15.40
CA ALA A 414 -9.85 4.21 15.60
C ALA A 414 -11.06 4.83 14.93
N THR A 415 -11.42 6.01 15.40
CA THR A 415 -12.59 6.71 14.88
C THR A 415 -12.28 8.15 14.51
N LEU A 416 -12.69 8.54 13.32
CA LEU A 416 -12.58 9.92 12.88
C LEU A 416 -13.63 10.73 13.62
N ILE A 417 -13.17 11.62 14.50
CA ILE A 417 -14.06 12.48 15.28
C ILE A 417 -14.08 13.91 14.73
N ASN A 418 -13.56 14.04 13.52
CA ASN A 418 -13.40 15.28 12.75
C ASN A 418 -12.05 15.95 13.07
N THR B 5 12.16 11.28 -41.95
CA THR B 5 11.90 9.84 -42.25
C THR B 5 12.68 8.87 -41.33
N THR B 6 13.79 9.32 -40.74
CA THR B 6 14.38 8.60 -39.61
C THR B 6 13.59 8.90 -38.34
N ALA B 7 13.14 7.86 -37.65
CA ALA B 7 12.43 8.04 -36.41
C ALA B 7 13.41 8.30 -35.27
N LEU B 8 12.95 9.06 -34.28
CA LEU B 8 13.73 9.36 -33.08
C LEU B 8 13.23 8.48 -31.94
N VAL B 9 14.16 8.10 -31.07
CA VAL B 9 13.84 7.38 -29.84
C VAL B 9 14.35 8.20 -28.66
N CYS B 10 13.40 8.62 -27.82
CA CYS B 10 13.69 9.41 -26.61
C CYS B 10 13.20 8.65 -25.38
N ASP B 11 14.16 8.12 -24.62
CA ASP B 11 13.87 7.38 -23.40
C ASP B 11 14.09 8.32 -22.24
N ASN B 12 13.03 8.91 -21.73
CA ASN B 12 13.13 9.95 -20.70
C ASN B 12 13.06 9.34 -19.30
N GLY B 13 14.18 9.43 -18.58
CA GLY B 13 14.27 8.88 -17.23
C GLY B 13 14.38 9.92 -16.13
N SER B 14 14.28 9.44 -14.89
CA SER B 14 14.34 10.31 -13.72
C SER B 14 15.68 11.03 -13.61
N GLY B 15 16.74 10.32 -13.95
CA GLY B 15 18.09 10.86 -13.88
C GLY B 15 18.67 11.21 -15.24
N LEU B 16 18.46 10.33 -16.22
CA LEU B 16 19.04 10.51 -17.55
C LEU B 16 18.03 10.40 -18.68
N VAL B 17 18.22 11.25 -19.69
CA VAL B 17 17.55 11.12 -20.97
C VAL B 17 18.53 10.39 -21.87
N LYS B 18 18.05 9.32 -22.50
CA LYS B 18 18.80 8.59 -23.51
C LYS B 18 18.07 8.84 -24.82
N ALA B 19 18.75 9.42 -25.82
CA ALA B 19 18.08 9.80 -27.05
C ALA B 19 18.92 9.49 -28.30
N GLY B 20 18.23 9.13 -29.38
CA GLY B 20 18.91 8.83 -30.63
C GLY B 20 17.97 8.50 -31.77
N PHE B 21 18.50 7.77 -32.73
CA PHE B 21 17.79 7.45 -33.97
C PHE B 21 17.45 5.97 -34.05
N ALA B 22 16.20 5.69 -34.43
CA ALA B 22 15.76 4.31 -34.66
C ALA B 22 16.61 3.70 -35.74
N GLY B 23 17.01 2.46 -35.55
CA GLY B 23 17.99 1.83 -36.44
C GLY B 23 19.40 1.84 -35.89
N ASP B 24 19.73 2.76 -34.99
CA ASP B 24 21.07 2.76 -34.36
C ASP B 24 21.09 1.74 -33.23
N ASP B 25 22.27 1.22 -32.88
CA ASP B 25 22.35 0.20 -31.83
C ASP B 25 22.64 0.78 -30.44
N ALA B 26 22.78 2.10 -30.36
CA ALA B 26 22.99 2.80 -29.10
C ALA B 26 22.49 4.24 -29.25
N PRO B 27 22.10 4.87 -28.13
CA PRO B 27 21.66 6.26 -28.16
C PRO B 27 22.84 7.18 -28.41
N ARG B 28 22.63 8.19 -29.25
CA ARG B 28 23.70 9.10 -29.57
C ARG B 28 23.91 10.15 -28.49
N ALA B 29 22.89 10.40 -27.70
CA ALA B 29 23.01 11.38 -26.64
C ALA B 29 22.47 10.80 -25.35
N VAL B 30 23.24 10.97 -24.28
CA VAL B 30 22.73 10.68 -22.95
C VAL B 30 23.18 11.77 -21.99
N PHE B 31 22.19 12.41 -21.39
CA PHE B 31 22.42 13.65 -20.70
C PHE B 31 21.45 13.75 -19.55
N PRO B 32 21.81 14.56 -18.54
CA PRO B 32 21.05 14.62 -17.32
C PRO B 32 19.66 15.21 -17.49
N SER B 33 18.71 14.59 -16.81
CA SER B 33 17.33 15.01 -16.88
C SER B 33 17.09 16.11 -15.85
N ILE B 34 17.75 17.25 -16.08
CA ILE B 34 17.72 18.40 -15.18
C ILE B 34 17.43 19.69 -15.92
N VAL B 35 16.76 20.61 -15.23
CA VAL B 35 16.55 21.97 -15.71
C VAL B 35 17.09 22.95 -14.66
N GLY B 36 17.76 23.99 -15.13
CA GLY B 36 18.23 25.08 -14.25
C GLY B 36 17.16 26.11 -13.93
N ARG B 37 16.85 26.29 -12.65
CA ARG B 37 15.89 27.32 -12.17
C ARG B 37 16.27 27.98 -10.85
N LYS B 50 15.98 30.92 -25.70
CA LYS B 50 16.21 29.98 -24.60
C LYS B 50 17.32 30.44 -23.63
N ASP B 51 16.97 31.34 -22.70
CA ASP B 51 17.87 31.76 -21.62
C ASP B 51 17.98 30.70 -20.52
N SER B 52 16.91 29.92 -20.32
CA SER B 52 16.86 28.83 -19.33
C SER B 52 17.75 27.64 -19.72
N TYR B 53 18.18 26.87 -18.72
CA TYR B 53 19.27 25.89 -18.89
C TYR B 53 18.84 24.42 -18.71
N VAL B 54 19.43 23.52 -19.53
CA VAL B 54 19.14 22.06 -19.52
C VAL B 54 20.40 21.20 -19.59
N GLY B 55 20.24 19.91 -19.28
CA GLY B 55 21.21 18.89 -19.70
C GLY B 55 22.55 19.13 -19.03
N ASP B 56 23.64 18.86 -19.75
CA ASP B 56 24.97 19.05 -19.16
C ASP B 56 25.28 20.52 -18.85
N GLU B 57 24.81 21.44 -19.70
CA GLU B 57 25.07 22.87 -19.51
C GLU B 57 24.34 23.55 -18.33
N ALA B 58 23.39 22.85 -17.71
CA ALA B 58 22.68 23.38 -16.52
C ALA B 58 23.39 23.03 -15.20
N GLN B 59 24.30 22.07 -15.25
CA GLN B 59 25.02 21.60 -14.05
C GLN B 59 26.07 22.60 -13.56
N SER B 60 26.76 23.24 -14.50
CA SER B 60 27.82 24.20 -14.18
C SER B 60 27.31 25.63 -13.97
N LYS B 61 26.01 25.85 -14.14
CA LYS B 61 25.37 27.15 -13.88
C LYS B 61 24.32 26.99 -12.79
N ARG B 62 24.78 26.58 -11.61
CA ARG B 62 23.91 26.26 -10.48
C ARG B 62 24.52 26.65 -9.12
N GLY B 63 24.53 27.94 -8.78
CA GLY B 63 24.24 29.03 -9.67
C GLY B 63 23.36 30.03 -8.95
N ILE B 64 23.11 31.13 -9.64
CA ILE B 64 21.91 31.93 -9.39
C ILE B 64 20.78 30.93 -9.63
N LEU B 65 21.19 29.69 -9.81
CA LEU B 65 20.34 28.64 -10.22
C LEU B 65 20.59 27.39 -9.42
N THR B 66 19.52 26.67 -9.09
CA THR B 66 19.68 25.29 -8.69
C THR B 66 19.03 24.35 -9.70
N LEU B 67 19.45 23.11 -9.61
CA LEU B 67 19.02 22.06 -10.51
C LEU B 67 17.65 21.57 -10.10
N LYS B 68 16.78 21.40 -11.09
CA LYS B 68 15.49 20.76 -10.89
C LYS B 68 15.35 19.55 -11.80
N TYR B 69 14.75 18.50 -11.25
CA TYR B 69 14.53 17.22 -11.92
C TYR B 69 13.04 17.15 -12.25
N PRO B 70 12.65 17.31 -13.53
CA PRO B 70 11.22 17.30 -13.87
C PRO B 70 10.56 15.93 -13.84
N ILE B 71 11.36 14.87 -13.84
CA ILE B 71 10.85 13.51 -13.76
C ILE B 71 11.24 12.94 -12.41
N GLU B 72 10.23 12.58 -11.64
CA GLU B 72 10.41 12.06 -10.29
C GLU B 72 9.77 10.70 -10.17
N HIS B 73 10.57 9.73 -9.71
CA HIS B 73 10.16 8.33 -9.65
C HIS B 73 9.54 7.86 -10.96
N GLY B 74 10.18 8.21 -12.07
CA GLY B 74 9.73 7.80 -13.40
C GLY B 74 8.55 8.56 -13.98
N ILE B 75 8.02 9.54 -13.24
CA ILE B 75 6.82 10.26 -13.67
C ILE B 75 7.13 11.74 -13.93
N ILE B 76 6.66 12.24 -15.07
CA ILE B 76 6.85 13.65 -15.40
C ILE B 76 5.95 14.45 -14.49
N THR B 77 6.54 15.31 -13.66
CA THR B 77 5.76 16.12 -12.72
C THR B 77 5.75 17.64 -13.00
N ASN B 78 6.59 18.11 -13.90
CA ASN B 78 6.57 19.52 -14.33
C ASN B 78 6.64 19.56 -15.85
N TRP B 79 5.54 19.97 -16.47
CA TRP B 79 5.45 19.98 -17.93
C TRP B 79 6.25 21.11 -18.60
N ASP B 80 6.36 22.26 -17.95
CA ASP B 80 7.16 23.38 -18.48
C ASP B 80 8.62 22.96 -18.61
N ASP B 81 9.13 22.36 -17.54
CA ASP B 81 10.51 21.90 -17.53
C ASP B 81 10.73 20.75 -18.51
N MET B 82 9.72 19.91 -18.67
CA MET B 82 9.82 18.77 -19.59
C MET B 82 9.87 19.23 -21.05
N GLU B 83 9.14 20.30 -21.38
CA GLU B 83 9.24 20.91 -22.71
C GLU B 83 10.65 21.38 -23.00
N LYS B 84 11.33 21.92 -21.99
CA LYS B 84 12.73 22.33 -22.14
C LYS B 84 13.67 21.16 -22.33
N ILE B 85 13.46 20.07 -21.59
CA ILE B 85 14.23 18.86 -21.80
C ILE B 85 14.08 18.42 -23.25
N TRP B 86 12.84 18.34 -23.71
CA TRP B 86 12.55 17.88 -25.06
C TRP B 86 13.08 18.83 -26.14
N HIS B 87 12.97 20.14 -25.91
CA HIS B 87 13.58 21.15 -26.81
C HIS B 87 15.07 20.88 -26.89
N HIS B 88 15.70 20.79 -25.73
CA HIS B 88 17.12 20.48 -25.66
C HIS B 88 17.48 19.18 -26.40
N THR B 89 16.61 18.18 -26.31
CA THR B 89 16.83 16.89 -27.00
C THR B 89 16.85 17.04 -28.51
N PHE B 90 15.82 17.68 -29.07
CA PHE B 90 15.72 17.86 -30.51
C PHE B 90 16.85 18.74 -31.03
N TYR B 91 16.95 19.94 -30.48
CA TYR B 91 17.76 20.99 -31.10
C TYR B 91 19.23 20.96 -30.72
N ASN B 92 19.54 20.68 -29.46
CA ASN B 92 20.92 20.73 -28.99
C ASN B 92 21.62 19.38 -28.97
N GLU B 93 20.91 18.31 -28.61
CA GLU B 93 21.52 16.97 -28.54
C GLU B 93 21.49 16.25 -29.88
N LEU B 94 20.32 16.13 -30.49
CA LEU B 94 20.23 15.40 -31.77
C LEU B 94 20.42 16.31 -32.99
N ARG B 95 20.24 17.61 -32.79
CA ARG B 95 20.28 18.60 -33.88
C ARG B 95 19.38 18.23 -35.05
N VAL B 96 18.11 17.97 -34.74
CA VAL B 96 17.11 17.77 -35.78
C VAL B 96 15.94 18.69 -35.51
N ALA B 97 15.14 18.88 -36.55
CA ALA B 97 13.85 19.53 -36.40
C ALA B 97 12.79 18.49 -36.02
N PRO B 98 12.01 18.77 -34.96
CA PRO B 98 10.93 17.84 -34.59
C PRO B 98 9.84 17.67 -35.65
N GLU B 99 9.62 18.70 -36.47
CA GLU B 99 8.63 18.63 -37.55
C GLU B 99 9.00 17.58 -38.59
N GLU B 100 10.26 17.17 -38.62
CA GLU B 100 10.74 16.25 -39.64
C GLU B 100 10.92 14.80 -39.18
N HIS B 101 10.56 14.48 -37.93
CA HIS B 101 10.80 13.12 -37.42
C HIS B 101 9.69 12.51 -36.55
N PRO B 102 9.18 11.31 -36.92
CA PRO B 102 8.35 10.56 -35.98
C PRO B 102 9.15 10.33 -34.72
N THR B 103 8.50 10.48 -33.57
CA THR B 103 9.19 10.46 -32.29
C THR B 103 8.56 9.45 -31.34
N LEU B 104 9.36 8.45 -30.97
CA LEU B 104 8.97 7.44 -30.01
C LEU B 104 9.44 7.90 -28.64
N LEU B 105 8.48 8.08 -27.74
CA LEU B 105 8.77 8.43 -26.35
C LEU B 105 8.56 7.19 -25.50
N THR B 106 9.24 7.12 -24.37
CA THR B 106 9.02 6.04 -23.41
C THR B 106 8.33 6.56 -22.15
N GLU B 107 7.61 5.67 -21.48
CA GLU B 107 6.91 6.00 -20.24
C GLU B 107 7.09 4.91 -19.21
N ALA B 108 6.94 5.32 -17.96
CA ALA B 108 6.95 4.41 -16.85
C ALA B 108 5.75 3.47 -16.89
N PRO B 109 5.91 2.25 -16.36
CA PRO B 109 4.82 1.32 -16.09
C PRO B 109 3.77 2.04 -15.26
N LEU B 110 2.49 1.83 -15.57
CA LEU B 110 1.41 2.52 -14.84
C LEU B 110 1.42 4.05 -14.93
N ASN B 111 2.07 4.61 -15.96
CA ASN B 111 2.01 6.06 -16.14
C ASN B 111 0.55 6.49 -16.29
N PRO B 112 0.08 7.45 -15.47
CA PRO B 112 -1.33 7.87 -15.57
C PRO B 112 -1.75 8.25 -17.00
N LYS B 113 -3.01 7.97 -17.33
CA LYS B 113 -3.56 8.21 -18.66
C LYS B 113 -3.44 9.67 -19.09
N ALA B 114 -3.81 10.57 -18.17
CA ALA B 114 -3.77 12.01 -18.42
C ALA B 114 -2.36 12.48 -18.71
N ASN B 115 -1.38 11.78 -18.16
CA ASN B 115 0.02 12.07 -18.37
C ASN B 115 0.46 11.73 -19.80
N ARG B 116 0.12 10.51 -20.20
CA ARG B 116 0.21 10.03 -21.58
C ARG B 116 -0.44 10.98 -22.59
N GLU B 117 -1.62 11.49 -22.27
CA GLU B 117 -2.35 12.41 -23.14
C GLU B 117 -1.61 13.73 -23.28
N LYS B 118 -1.08 14.20 -22.15
CA LYS B 118 -0.34 15.45 -22.12
C LYS B 118 0.97 15.35 -22.92
N MET B 119 1.65 14.21 -22.84
CA MET B 119 2.86 13.98 -23.64
C MET B 119 2.52 14.09 -25.11
N THR B 120 1.41 13.45 -25.49
CA THR B 120 0.91 13.48 -26.86
C THR B 120 0.55 14.89 -27.30
N GLN B 121 -0.19 15.62 -26.46
CA GLN B 121 -0.57 16.99 -26.78
C GLN B 121 0.65 17.88 -27.02
N ILE B 122 1.66 17.74 -26.17
CA ILE B 122 2.86 18.57 -26.28
C ILE B 122 3.62 18.25 -27.57
N MET B 123 3.80 16.97 -27.87
CA MET B 123 4.51 16.59 -29.08
C MET B 123 3.87 17.18 -30.31
N PHE B 124 2.54 17.12 -30.37
CA PHE B 124 1.84 17.59 -31.57
C PHE B 124 1.62 19.10 -31.58
N GLU B 125 1.21 19.67 -30.45
CA GLU B 125 0.85 21.11 -30.41
C GLU B 125 2.02 22.06 -30.15
N THR B 126 2.97 21.65 -29.31
CA THR B 126 4.15 22.47 -29.04
C THR B 126 5.22 22.19 -30.09
N PHE B 127 5.52 20.92 -30.33
CA PHE B 127 6.66 20.54 -31.16
C PHE B 127 6.32 20.18 -32.60
N ASN B 128 5.04 19.97 -32.89
CA ASN B 128 4.63 19.77 -34.26
C ASN B 128 5.20 18.55 -34.95
N VAL B 129 5.38 17.46 -34.23
CA VAL B 129 5.94 16.25 -34.83
C VAL B 129 4.93 15.69 -35.83
N PRO B 130 5.42 15.04 -36.90
CA PRO B 130 4.51 14.44 -37.87
C PRO B 130 3.84 13.16 -37.34
N ALA B 131 4.46 12.51 -36.38
CA ALA B 131 3.91 11.29 -35.79
C ALA B 131 4.63 11.01 -34.48
N MET B 132 4.01 10.23 -33.62
CA MET B 132 4.65 9.84 -32.36
C MET B 132 4.01 8.61 -31.74
N TYR B 133 4.66 8.10 -30.69
CA TYR B 133 4.20 6.91 -29.98
C TYR B 133 4.78 6.92 -28.57
N VAL B 134 4.02 6.39 -27.62
CA VAL B 134 4.49 6.23 -26.25
C VAL B 134 4.54 4.74 -25.89
N ALA B 135 5.74 4.24 -25.62
CA ALA B 135 5.94 2.84 -25.24
C ALA B 135 6.27 2.69 -23.77
N ILE B 136 5.90 1.55 -23.21
CA ILE B 136 6.21 1.24 -21.82
C ILE B 136 7.66 0.76 -21.75
N GLN B 137 8.44 1.39 -20.86
CA GLN B 137 9.88 1.15 -20.81
C GLN B 137 10.26 -0.32 -20.59
N ALA B 138 9.58 -0.96 -19.64
CA ALA B 138 9.92 -2.35 -19.27
C ALA B 138 9.67 -3.29 -20.45
N VAL B 139 8.61 -3.01 -21.19
CA VAL B 139 8.28 -3.80 -22.38
C VAL B 139 9.38 -3.69 -23.44
N LEU B 140 9.90 -2.49 -23.67
CA LEU B 140 11.00 -2.30 -24.64
C LEU B 140 12.23 -3.08 -24.23
N SER B 141 12.54 -3.04 -22.93
CA SER B 141 13.70 -3.76 -22.39
C SER B 141 13.56 -5.22 -22.71
N LEU B 142 12.37 -5.76 -22.44
CA LEU B 142 12.10 -7.15 -22.74
C LEU B 142 12.25 -7.44 -24.24
N TYR B 143 11.75 -6.54 -25.09
CA TYR B 143 11.87 -6.73 -26.54
C TYR B 143 13.33 -6.69 -26.98
N ALA B 144 14.15 -5.90 -26.30
CA ALA B 144 15.56 -5.77 -26.70
C ALA B 144 16.30 -7.10 -26.70
N SER B 145 15.94 -7.98 -25.77
CA SER B 145 16.54 -9.32 -25.73
C SER B 145 15.75 -10.35 -26.54
N GLY B 146 14.94 -9.88 -27.48
CA GLY B 146 14.16 -10.75 -28.37
C GLY B 146 13.04 -11.50 -27.67
N ARG B 147 12.60 -11.01 -26.51
CA ARG B 147 11.54 -11.67 -25.77
C ARG B 147 10.24 -10.91 -25.79
N THR B 148 9.16 -11.68 -25.68
CA THR B 148 7.82 -11.14 -25.52
C THR B 148 7.14 -11.65 -24.24
N THR B 149 7.79 -12.55 -23.50
CA THR B 149 7.26 -13.05 -22.22
C THR B 149 8.37 -13.04 -21.18
N GLY B 150 8.07 -12.54 -19.99
CA GLY B 150 9.06 -12.48 -18.94
C GLY B 150 8.69 -11.44 -17.91
N ILE B 151 9.44 -11.44 -16.80
CA ILE B 151 9.24 -10.44 -15.77
C ILE B 151 10.47 -9.55 -15.72
N VAL B 152 10.26 -8.27 -15.95
CA VAL B 152 11.34 -7.31 -15.98
C VAL B 152 11.51 -6.65 -14.63
N LEU B 153 12.74 -6.65 -14.14
CA LEU B 153 13.13 -5.76 -13.06
C LEU B 153 13.83 -4.55 -13.69
N ASP B 154 13.15 -3.41 -13.67
CA ASP B 154 13.67 -2.16 -14.24
C ASP B 154 14.00 -1.21 -13.08
N SER B 155 15.29 -1.00 -12.85
CA SER B 155 15.76 -0.12 -11.76
C SER B 155 16.70 0.94 -12.29
N GLY B 156 16.26 2.20 -12.20
CA GLY B 156 17.06 3.33 -12.67
C GLY B 156 17.61 4.21 -11.56
N ASP B 157 17.47 5.51 -11.76
CA ASP B 157 17.96 6.50 -10.81
C ASP B 157 16.91 6.86 -9.76
N GLY B 158 15.63 6.77 -10.13
CA GLY B 158 14.56 7.29 -9.28
C GLY B 158 13.48 6.30 -8.88
N VAL B 159 13.32 5.23 -9.64
CA VAL B 159 12.27 4.27 -9.35
C VAL B 159 12.70 2.87 -9.78
N THR B 160 12.14 1.86 -9.13
CA THR B 160 12.29 0.48 -9.62
C THR B 160 10.94 -0.22 -9.71
N HIS B 161 10.77 -0.96 -10.80
CA HIS B 161 9.56 -1.70 -11.09
C HIS B 161 9.85 -3.15 -11.39
N ASN B 162 8.89 -4.01 -11.02
CA ASN B 162 8.76 -5.34 -11.61
C ASN B 162 7.57 -5.27 -12.55
N VAL B 163 7.76 -5.70 -13.78
CA VAL B 163 6.67 -5.69 -14.75
C VAL B 163 6.63 -7.05 -15.44
N PRO B 164 5.64 -7.88 -15.06
CA PRO B 164 5.47 -9.14 -15.75
C PRO B 164 4.77 -8.93 -17.08
N ILE B 165 5.25 -9.60 -18.12
CA ILE B 165 4.77 -9.40 -19.49
C ILE B 165 4.53 -10.77 -20.11
N TYR B 166 3.39 -10.91 -20.80
CA TYR B 166 3.02 -12.18 -21.42
C TYR B 166 2.58 -11.95 -22.86
N GLU B 167 3.32 -12.54 -23.80
CA GLU B 167 3.13 -12.35 -25.25
C GLU B 167 3.01 -10.88 -25.64
N GLY B 168 3.93 -10.05 -25.17
CA GLY B 168 3.96 -8.64 -25.52
C GLY B 168 3.09 -7.74 -24.66
N TYR B 169 2.27 -8.33 -23.78
CA TYR B 169 1.36 -7.53 -22.96
C TYR B 169 1.80 -7.43 -21.51
N ALA B 170 2.01 -6.20 -21.06
CA ALA B 170 2.23 -5.89 -19.65
C ALA B 170 0.94 -6.20 -18.89
N LEU B 171 1.10 -6.77 -17.71
CA LEU B 171 -0.03 -7.16 -16.88
C LEU B 171 -0.10 -6.19 -15.70
N PRO B 172 -0.91 -5.13 -15.83
CA PRO B 172 -0.82 -4.01 -14.88
C PRO B 172 -1.24 -4.32 -13.44
N HIS B 173 -2.11 -5.31 -13.25
CA HIS B 173 -2.55 -5.65 -11.90
C HIS B 173 -1.44 -6.35 -11.11
N ALA B 174 -0.39 -6.81 -11.80
CA ALA B 174 0.74 -7.50 -11.16
C ALA B 174 2.03 -6.67 -11.10
N ILE B 175 1.98 -5.43 -11.59
CA ILE B 175 3.15 -4.55 -11.57
C ILE B 175 3.44 -4.10 -10.15
N MET B 176 4.68 -4.32 -9.72
CA MET B 176 5.15 -3.83 -8.45
C MET B 176 6.17 -2.77 -8.77
N ARG B 177 6.10 -1.48 -8.15
CA ARG B 177 6.74 -0.22 -7.97
C ARG B 177 7.50 -0.40 -6.69
N LEU B 178 8.60 0.26 -6.15
CA LEU B 178 9.57 0.71 -5.17
C LEU B 178 10.13 2.05 -5.55
N ASP B 179 9.88 3.02 -4.69
CA ASP B 179 10.46 4.33 -4.83
C ASP B 179 11.81 4.32 -4.12
N LEU B 180 12.72 3.55 -4.70
CA LEU B 180 14.04 3.37 -4.18
C LEU B 180 14.87 2.92 -5.37
N ALA B 181 15.89 3.68 -5.71
CA ALA B 181 16.69 3.37 -6.87
C ALA B 181 18.09 3.98 -6.75
N GLY B 182 18.72 4.29 -7.87
CA GLY B 182 20.12 4.68 -7.91
C GLY B 182 20.52 5.85 -7.04
N ARG B 183 19.70 6.90 -7.06
CA ARG B 183 20.00 8.11 -6.30
C ARG B 183 19.96 7.90 -4.78
N ASP B 184 19.02 7.06 -4.33
CA ASP B 184 18.92 6.73 -2.90
C ASP B 184 20.14 5.94 -2.48
N LEU B 185 20.59 5.06 -3.37
CA LEU B 185 21.81 4.30 -3.13
C LEU B 185 23.04 5.20 -3.06
N THR B 186 23.14 6.15 -3.98
CA THR B 186 24.22 7.14 -3.96
C THR B 186 24.21 7.89 -2.63
N ASP B 187 23.03 8.35 -2.24
CA ASP B 187 22.88 9.17 -1.02
C ASP B 187 23.23 8.36 0.21
N TYR B 188 22.84 7.09 0.20
CA TYR B 188 23.17 6.19 1.29
C TYR B 188 24.67 5.97 1.38
N LEU B 189 25.31 5.77 0.23
CA LEU B 189 26.76 5.61 0.19
C LEU B 189 27.47 6.86 0.72
N MET B 190 26.94 8.05 0.40
CA MET B 190 27.46 9.29 1.00
C MET B 190 27.45 9.23 2.52
N LYS B 191 26.33 8.79 3.10
CA LYS B 191 26.18 8.75 4.55
C LYS B 191 27.15 7.78 5.21
N ILE B 192 27.24 6.56 4.69
CA ILE B 192 28.06 5.54 5.32
C ILE B 192 29.57 5.75 5.11
N LEU B 193 29.94 6.37 4.00
CA LEU B 193 31.32 6.82 3.81
C LEU B 193 31.67 7.94 4.77
N THR B 194 30.68 8.78 5.03
CA THR B 194 30.84 9.88 5.97
C THR B 194 30.97 9.32 7.39
N GLU B 195 30.26 8.25 7.69
CA GLU B 195 30.38 7.57 8.99
C GLU B 195 31.73 6.88 9.13
N ARG B 196 32.34 6.49 8.01
CA ARG B 196 33.68 5.93 7.98
C ARG B 196 34.77 6.94 8.40
N GLY B 197 34.46 8.23 8.34
CA GLY B 197 35.43 9.29 8.63
C GLY B 197 35.68 10.27 7.49
N TYR B 198 35.05 10.06 6.35
CA TYR B 198 35.14 11.04 5.26
C TYR B 198 34.01 12.04 5.38
N SER B 199 33.96 12.99 4.47
CA SER B 199 32.87 13.96 4.46
C SER B 199 32.37 14.13 3.04
N PHE B 200 31.24 13.49 2.74
CA PHE B 200 30.64 13.60 1.42
C PHE B 200 29.24 14.14 1.62
N VAL B 201 29.03 15.42 1.29
CA VAL B 201 27.74 16.06 1.57
C VAL B 201 27.22 17.01 0.50
N THR B 202 28.09 17.63 -0.30
CA THR B 202 27.64 18.63 -1.28
C THR B 202 27.13 18.00 -2.57
N THR B 203 26.55 18.82 -3.44
CA THR B 203 26.00 18.32 -4.70
C THR B 203 27.13 17.76 -5.56
N ALA B 204 28.26 18.46 -5.61
CA ALA B 204 29.44 17.96 -6.30
C ALA B 204 29.96 16.64 -5.71
N GLU B 205 29.92 16.53 -4.39
CA GLU B 205 30.38 15.33 -3.70
C GLU B 205 29.44 14.15 -3.96
N ARG B 206 28.16 14.45 -4.17
CA ARG B 206 27.19 13.44 -4.55
C ARG B 206 27.53 12.81 -5.93
N GLU B 207 28.02 13.61 -6.88
CA GLU B 207 28.44 13.10 -8.20
C GLU B 207 29.66 12.19 -8.08
N ILE B 208 30.62 12.61 -7.26
CA ILE B 208 31.79 11.82 -6.96
C ILE B 208 31.36 10.48 -6.35
N VAL B 209 30.45 10.51 -5.38
CA VAL B 209 30.04 9.28 -4.70
C VAL B 209 29.24 8.38 -5.65
N ARG B 210 28.48 9.00 -6.54
CA ARG B 210 27.81 8.25 -7.61
C ARG B 210 28.85 7.49 -8.45
N ASP B 211 29.91 8.19 -8.82
CA ASP B 211 31.00 7.56 -9.58
C ASP B 211 31.66 6.42 -8.79
N ILE B 212 31.87 6.61 -7.49
CA ILE B 212 32.40 5.54 -6.63
C ILE B 212 31.46 4.34 -6.63
N LYS B 213 30.17 4.62 -6.53
CA LYS B 213 29.14 3.59 -6.52
C LYS B 213 29.19 2.76 -7.80
N GLU B 214 29.28 3.45 -8.93
CA GLU B 214 29.30 2.81 -10.23
C GLU B 214 30.56 2.02 -10.51
N LYS B 215 31.64 2.33 -9.81
CA LYS B 215 32.91 1.69 -10.11
C LYS B 215 33.30 0.58 -9.14
N LEU B 216 32.84 0.66 -7.89
CA LEU B 216 33.37 -0.23 -6.86
C LEU B 216 32.36 -1.03 -6.02
N CYS B 217 31.08 -0.74 -6.15
CA CYS B 217 30.07 -1.47 -5.38
C CYS B 217 29.77 -2.82 -6.00
N TYR B 218 29.20 -3.71 -5.20
CA TYR B 218 28.74 -5.01 -5.68
C TYR B 218 27.78 -5.59 -4.68
N VAL B 219 26.99 -6.56 -5.13
CA VAL B 219 26.02 -7.23 -4.28
C VAL B 219 26.61 -8.54 -3.75
N ALA B 220 26.63 -8.68 -2.43
CA ALA B 220 27.13 -9.89 -1.78
C ALA B 220 26.16 -11.04 -1.97
N LEU B 221 26.68 -12.25 -2.17
CA LEU B 221 25.83 -13.44 -2.26
C LEU B 221 25.23 -13.75 -0.89
N ASP B 222 26.05 -13.59 0.16
CA ASP B 222 25.60 -13.81 1.53
C ASP B 222 26.04 -12.61 2.35
N PHE B 223 25.09 -11.73 2.67
CA PHE B 223 25.40 -10.45 3.28
C PHE B 223 26.05 -10.58 4.67
N GLU B 224 25.48 -11.41 5.53
CA GLU B 224 26.02 -11.56 6.89
C GLU B 224 27.40 -12.19 6.86
N ASN B 225 27.59 -13.18 5.99
CA ASN B 225 28.92 -13.71 5.75
C ASN B 225 29.89 -12.61 5.31
N GLU B 226 29.49 -11.81 4.33
CA GLU B 226 30.39 -10.80 3.77
C GLU B 226 30.73 -9.71 4.81
N MET B 227 29.81 -9.39 5.73
CA MET B 227 30.12 -8.46 6.83
C MET B 227 31.14 -9.04 7.81
N ALA B 228 31.04 -10.32 8.13
CA ALA B 228 32.05 -10.99 8.97
C ALA B 228 33.41 -10.94 8.31
N THR B 229 33.43 -11.21 7.01
CA THR B 229 34.67 -11.24 6.25
C THR B 229 35.30 -9.87 6.25
N ALA B 230 34.47 -8.83 6.16
CA ALA B 230 34.98 -7.46 6.07
C ALA B 230 35.89 -7.11 7.25
N ALA B 231 35.53 -7.56 8.45
CA ALA B 231 36.36 -7.33 9.63
C ALA B 231 37.69 -8.11 9.62
N SER B 232 37.85 -9.05 8.70
CA SER B 232 39.06 -9.89 8.63
C SER B 232 40.00 -9.50 7.47
N SER B 233 39.55 -9.73 6.24
CA SER B 233 40.34 -9.45 5.05
C SER B 233 40.58 -7.96 4.82
N SER B 234 41.34 -7.69 3.77
CA SER B 234 41.38 -6.40 3.10
C SER B 234 41.40 -6.69 1.58
N SER B 235 41.12 -7.94 1.22
CA SER B 235 40.86 -8.30 -0.18
C SER B 235 39.51 -7.72 -0.62
N LEU B 236 38.68 -7.29 0.33
CA LEU B 236 37.48 -6.52 -0.02
C LEU B 236 37.73 -4.99 -0.11
N GLU B 237 38.80 -4.49 0.52
CA GLU B 237 39.08 -3.05 0.47
C GLU B 237 39.58 -2.62 -0.89
N LYS B 238 39.11 -1.46 -1.31
CA LYS B 238 39.45 -0.89 -2.61
C LYS B 238 39.72 0.57 -2.37
N SER B 239 40.47 1.18 -3.27
CA SER B 239 40.79 2.59 -3.16
C SER B 239 40.24 3.37 -4.34
N TYR B 240 40.14 4.67 -4.17
CA TYR B 240 39.56 5.53 -5.18
C TYR B 240 40.17 6.91 -5.08
N GLU B 241 40.64 7.41 -6.22
CA GLU B 241 41.30 8.71 -6.29
C GLU B 241 40.30 9.82 -6.60
N LEU B 242 40.14 10.70 -5.63
CA LEU B 242 39.36 11.92 -5.77
C LEU B 242 40.01 12.88 -6.77
N PRO B 243 39.22 13.82 -7.34
CA PRO B 243 39.80 14.74 -8.33
C PRO B 243 40.99 15.60 -7.86
N ASP B 244 41.03 15.93 -6.57
CA ASP B 244 42.14 16.71 -6.02
C ASP B 244 43.36 15.84 -5.67
N GLY B 245 43.23 14.52 -5.83
CA GLY B 245 44.35 13.61 -5.63
C GLY B 245 44.36 12.82 -4.33
N GLN B 246 43.49 13.17 -3.38
CA GLN B 246 43.35 12.35 -2.20
C GLN B 246 42.86 10.97 -2.63
N VAL B 247 43.52 9.91 -2.16
CA VAL B 247 43.09 8.55 -2.48
C VAL B 247 42.36 8.04 -1.23
N ILE B 248 41.11 7.63 -1.41
CA ILE B 248 40.33 7.15 -0.27
C ILE B 248 40.14 5.65 -0.36
N THR B 249 39.79 5.05 0.78
CA THR B 249 39.61 3.63 0.89
C THR B 249 38.14 3.33 1.16
N ILE B 250 37.63 2.29 0.52
CA ILE B 250 36.24 1.85 0.74
C ILE B 250 36.20 0.35 0.99
N GLY B 251 35.48 -0.03 2.04
CA GLY B 251 35.48 -1.43 2.48
C GLY B 251 34.13 -2.08 2.37
N ASN B 252 33.48 -2.30 3.52
CA ASN B 252 32.20 -2.99 3.52
C ASN B 252 31.08 -2.15 2.92
N GLU B 253 31.37 -0.85 2.71
CA GLU B 253 30.43 0.05 2.08
C GLU B 253 30.16 -0.35 0.63
N ARG B 254 31.13 -1.04 0.02
CA ARG B 254 30.99 -1.51 -1.36
C ARG B 254 29.73 -2.34 -1.56
N PHE B 255 29.41 -3.20 -0.60
CA PHE B 255 28.26 -4.09 -0.71
C PHE B 255 27.08 -3.71 0.21
N ARG B 256 27.32 -2.95 1.28
CA ARG B 256 26.21 -2.45 2.11
C ARG B 256 25.32 -1.48 1.30
N CYS B 257 25.93 -0.76 0.35
CA CYS B 257 25.21 0.22 -0.43
C CYS B 257 24.09 -0.40 -1.26
N PRO B 258 24.42 -1.30 -2.22
CA PRO B 258 23.36 -1.96 -3.00
C PRO B 258 22.57 -3.03 -2.24
N GLU B 259 23.03 -3.42 -1.05
CA GLU B 259 22.26 -4.33 -0.21
C GLU B 259 20.89 -3.73 0.11
N THR B 260 20.83 -2.40 0.08
CA THR B 260 19.61 -1.62 0.29
C THR B 260 18.43 -2.05 -0.60
N LEU B 261 18.74 -2.50 -1.81
CA LEU B 261 17.75 -3.00 -2.76
C LEU B 261 17.01 -4.22 -2.21
N PHE B 262 17.77 -5.09 -1.55
CA PHE B 262 17.20 -6.28 -0.90
C PHE B 262 16.75 -6.00 0.53
N GLN B 263 17.32 -4.97 1.16
CA GLN B 263 16.91 -4.56 2.52
C GLN B 263 16.67 -3.06 2.57
N PRO B 264 15.48 -2.62 2.15
CA PRO B 264 15.21 -1.18 2.14
C PRO B 264 15.22 -0.52 3.51
N SER B 265 15.20 -1.33 4.57
CA SER B 265 15.32 -0.82 5.93
C SER B 265 16.66 -0.11 6.17
N PHE B 266 17.68 -0.42 5.39
CA PHE B 266 18.97 0.27 5.48
C PHE B 266 18.82 1.77 5.34
N ILE B 267 17.88 2.21 4.51
CA ILE B 267 17.60 3.64 4.41
C ILE B 267 16.28 4.04 5.08
N GLY B 268 15.82 3.25 6.06
CA GLY B 268 14.60 3.60 6.79
C GLY B 268 13.32 3.32 6.04
N MET B 269 13.36 2.49 4.99
CA MET B 269 12.15 2.19 4.25
C MET B 269 11.57 0.85 4.71
N GLU B 270 10.26 0.77 4.77
CA GLU B 270 9.56 -0.43 5.23
C GLU B 270 8.83 -1.18 4.11
N SER B 271 9.37 -1.04 2.91
CA SER B 271 8.85 -1.73 1.76
C SER B 271 9.55 -3.06 1.56
N ALA B 272 8.91 -3.92 0.79
CA ALA B 272 9.54 -5.13 0.30
C ALA B 272 10.79 -4.79 -0.53
N GLY B 273 11.79 -5.66 -0.44
CA GLY B 273 13.00 -5.55 -1.24
C GLY B 273 12.75 -6.16 -2.62
N ILE B 274 13.72 -6.03 -3.50
CA ILE B 274 13.49 -6.37 -4.92
C ILE B 274 13.24 -7.86 -5.20
N HIS B 275 13.85 -8.74 -4.41
CA HIS B 275 13.56 -10.18 -4.49
C HIS B 275 12.10 -10.46 -4.14
N GLU B 276 11.62 -9.77 -3.11
CA GLU B 276 10.25 -9.95 -2.61
C GLU B 276 9.22 -9.32 -3.55
N THR B 277 9.53 -8.14 -4.11
CA THR B 277 8.66 -7.54 -5.12
C THR B 277 8.59 -8.39 -6.38
N THR B 278 9.71 -9.01 -6.75
CA THR B 278 9.75 -9.93 -7.88
C THR B 278 8.81 -11.10 -7.62
N TYR B 279 8.94 -11.71 -6.45
CA TYR B 279 8.08 -12.82 -6.06
C TYR B 279 6.60 -12.42 -5.97
N ASN B 280 6.33 -11.29 -5.33
CA ASN B 280 4.97 -10.76 -5.22
C ASN B 280 4.31 -10.57 -6.59
N SER B 281 5.07 -9.98 -7.52
CA SER B 281 4.59 -9.74 -8.87
C SER B 281 4.22 -11.04 -9.59
N ILE B 282 5.07 -12.04 -9.47
CA ILE B 282 4.81 -13.34 -10.08
C ILE B 282 3.56 -14.00 -9.46
N MET B 283 3.39 -13.85 -8.15
CA MET B 283 2.26 -14.47 -7.43
C MET B 283 0.92 -13.81 -7.75
N LYS B 284 0.97 -12.59 -8.25
CA LYS B 284 -0.25 -11.90 -8.67
C LYS B 284 -0.65 -12.27 -10.08
N CYS B 285 0.21 -13.02 -10.78
CA CYS B 285 -0.13 -13.48 -12.12
C CYS B 285 -0.81 -14.84 -12.09
N ASP B 286 -1.58 -15.10 -13.14
CA ASP B 286 -2.18 -16.40 -13.42
C ASP B 286 -1.19 -17.54 -13.16
N ILE B 287 -1.65 -18.55 -12.42
CA ILE B 287 -0.80 -19.67 -12.04
C ILE B 287 -0.12 -20.32 -13.25
N ASP B 288 -0.83 -20.38 -14.38
CA ASP B 288 -0.34 -21.06 -15.58
C ASP B 288 0.89 -20.41 -16.24
N ILE B 289 1.14 -19.13 -16.02
CA ILE B 289 2.30 -18.45 -16.64
C ILE B 289 3.45 -18.25 -15.68
N ARG B 290 3.27 -18.62 -14.40
CA ARG B 290 4.28 -18.30 -13.39
C ARG B 290 5.63 -18.91 -13.69
N LYS B 291 5.66 -20.13 -14.20
CA LYS B 291 6.94 -20.77 -14.54
C LYS B 291 7.63 -20.04 -15.69
N ASP B 292 6.84 -19.52 -16.63
CA ASP B 292 7.40 -18.69 -17.72
C ASP B 292 8.10 -17.47 -17.17
N LEU B 293 7.52 -16.86 -16.13
CA LEU B 293 8.12 -15.68 -15.52
C LEU B 293 9.38 -16.02 -14.72
N TYR B 294 9.32 -17.08 -13.91
CA TYR B 294 10.48 -17.53 -13.13
C TYR B 294 11.67 -17.84 -14.04
N ALA B 295 11.38 -18.41 -15.21
CA ALA B 295 12.43 -18.79 -16.15
C ALA B 295 12.91 -17.64 -17.05
N ASN B 296 12.24 -16.49 -16.95
CA ASN B 296 12.58 -15.31 -17.75
C ASN B 296 12.57 -14.02 -16.91
N ASN B 297 13.34 -14.02 -15.83
CA ASN B 297 13.54 -12.81 -15.02
C ASN B 297 14.55 -11.98 -15.77
N VAL B 298 14.14 -10.83 -16.30
CA VAL B 298 15.07 -9.97 -17.06
C VAL B 298 15.31 -8.68 -16.26
N MET B 299 16.58 -8.26 -16.18
CA MET B 299 16.97 -7.05 -15.48
C MET B 299 17.34 -5.96 -16.47
N SER B 300 16.90 -4.73 -16.20
CA SER B 300 17.35 -3.58 -16.96
C SER B 300 17.45 -2.35 -16.09
N GLY B 301 18.20 -1.38 -16.61
CA GLY B 301 18.38 -0.09 -15.96
C GLY B 301 19.72 -0.06 -15.27
N GLY B 302 20.19 1.15 -14.99
CA GLY B 302 21.54 1.32 -14.45
C GLY B 302 21.76 0.72 -13.08
N THR B 303 20.70 0.68 -12.27
CA THR B 303 20.81 0.18 -10.90
C THR B 303 20.75 -1.37 -10.83
N THR B 304 20.60 -2.03 -11.98
CA THR B 304 20.80 -3.49 -12.04
C THR B 304 22.21 -3.88 -12.45
N MET B 305 23.11 -2.90 -12.57
CA MET B 305 24.45 -3.17 -13.12
C MET B 305 25.44 -3.77 -12.11
N TYR B 306 25.07 -3.84 -10.83
CA TYR B 306 26.00 -4.31 -9.80
C TYR B 306 26.44 -5.75 -10.06
N PRO B 307 27.77 -5.98 -10.13
CA PRO B 307 28.28 -7.34 -10.09
C PRO B 307 27.66 -8.08 -8.93
N GLY B 308 27.19 -9.29 -9.19
CA GLY B 308 26.64 -10.14 -8.15
C GLY B 308 25.14 -10.04 -7.96
N ILE B 309 24.49 -9.07 -8.61
CA ILE B 309 23.05 -8.88 -8.39
C ILE B 309 22.24 -10.06 -8.92
N ALA B 310 22.61 -10.58 -10.08
CA ALA B 310 21.92 -11.72 -10.67
C ALA B 310 22.00 -12.98 -9.79
N ASP B 311 23.20 -13.34 -9.33
CA ASP B 311 23.37 -14.50 -8.42
C ASP B 311 22.58 -14.35 -7.14
N ARG B 312 22.56 -13.14 -6.59
CA ARG B 312 21.87 -12.90 -5.34
C ARG B 312 20.36 -13.00 -5.55
N MET B 313 19.88 -12.48 -6.68
CA MET B 313 18.46 -12.60 -7.01
C MET B 313 18.08 -14.07 -7.20
N GLN B 314 18.94 -14.81 -7.89
CA GLN B 314 18.74 -16.25 -8.10
C GLN B 314 18.53 -16.95 -6.74
N LYS B 315 19.43 -16.69 -5.81
CA LYS B 315 19.40 -17.30 -4.48
C LYS B 315 18.18 -16.88 -3.67
N GLU B 316 17.83 -15.61 -3.70
CA GLU B 316 16.67 -15.11 -2.92
C GLU B 316 15.34 -15.65 -3.44
N ILE B 317 15.18 -15.66 -4.75
CA ILE B 317 13.97 -16.19 -5.37
C ILE B 317 13.84 -17.69 -5.14
N THR B 318 14.97 -18.39 -5.24
CA THR B 318 15.02 -19.81 -4.93
C THR B 318 14.53 -20.09 -3.51
N ALA B 319 14.89 -19.23 -2.56
CA ALA B 319 14.44 -19.41 -1.18
C ALA B 319 12.93 -19.21 -1.04
N LEU B 320 12.34 -18.38 -1.91
CA LEU B 320 10.89 -18.11 -1.85
C LEU B 320 10.03 -19.05 -2.69
N ALA B 321 10.56 -19.54 -3.80
CA ALA B 321 9.76 -20.33 -4.75
C ALA B 321 9.73 -21.81 -4.34
N PRO B 322 8.82 -22.60 -4.93
CA PRO B 322 8.87 -24.05 -4.74
C PRO B 322 10.22 -24.64 -5.16
N SER B 323 10.67 -25.64 -4.40
CA SER B 323 11.97 -26.27 -4.59
C SER B 323 12.16 -26.86 -5.99
N THR B 324 11.05 -27.14 -6.67
CA THR B 324 11.10 -27.68 -8.02
C THR B 324 11.13 -26.62 -9.13
N MET B 325 11.05 -25.33 -8.76
CA MET B 325 10.98 -24.27 -9.77
C MET B 325 12.30 -24.04 -10.48
N LYS B 326 12.24 -23.89 -11.81
CA LYS B 326 13.40 -23.47 -12.57
C LYS B 326 13.44 -21.96 -12.74
N ILE B 327 14.51 -21.37 -12.24
CA ILE B 327 14.67 -19.93 -12.15
C ILE B 327 15.88 -19.50 -12.95
N LYS B 328 15.71 -18.45 -13.75
CA LYS B 328 16.78 -17.91 -14.56
C LYS B 328 16.72 -16.39 -14.58
N ILE B 329 17.86 -15.77 -14.25
CA ILE B 329 17.98 -14.33 -14.24
C ILE B 329 18.78 -13.94 -15.47
N ILE B 330 18.19 -13.12 -16.32
CA ILE B 330 18.86 -12.68 -17.54
C ILE B 330 19.29 -11.24 -17.37
N ALA B 331 20.59 -11.00 -17.41
CA ALA B 331 21.16 -9.69 -17.14
C ALA B 331 22.16 -9.33 -18.22
N PRO B 332 21.66 -8.83 -19.37
CA PRO B 332 22.62 -8.58 -20.45
C PRO B 332 23.61 -7.46 -20.14
N PRO B 333 24.82 -7.54 -20.72
CA PRO B 333 25.80 -6.48 -20.55
C PRO B 333 25.28 -5.11 -20.96
N GLU B 334 24.34 -5.07 -21.90
CA GLU B 334 23.82 -3.81 -22.44
C GLU B 334 22.63 -3.26 -21.68
N ARG B 335 22.31 -3.85 -20.52
CA ARG B 335 21.01 -3.62 -19.92
C ARG B 335 20.80 -2.20 -19.41
N LYS B 336 21.88 -1.44 -19.30
CA LYS B 336 21.76 -0.05 -18.93
C LYS B 336 21.11 0.79 -20.05
N TYR B 337 21.09 0.27 -21.28
CA TYR B 337 20.42 0.94 -22.39
C TYR B 337 19.39 0.07 -23.11
N SER B 338 18.94 -1.00 -22.45
CA SER B 338 18.05 -1.96 -23.12
C SER B 338 16.65 -1.36 -23.40
N VAL B 339 16.21 -0.40 -22.60
CA VAL B 339 14.96 0.31 -22.90
C VAL B 339 15.11 1.05 -24.22
N TRP B 340 16.16 1.86 -24.31
CA TRP B 340 16.44 2.62 -25.52
C TRP B 340 16.60 1.68 -26.74
N ILE B 341 17.38 0.62 -26.58
CA ILE B 341 17.62 -0.33 -27.67
C ILE B 341 16.31 -0.97 -28.11
N GLY B 342 15.49 -1.35 -27.14
CA GLY B 342 14.16 -1.87 -27.42
C GLY B 342 13.31 -0.91 -28.24
N GLY B 343 13.37 0.37 -27.92
CA GLY B 343 12.64 1.39 -28.68
C GLY B 343 13.16 1.53 -30.11
N SER B 344 14.48 1.48 -30.25
CA SER B 344 15.12 1.56 -31.56
C SER B 344 14.72 0.40 -32.48
N ILE B 345 14.69 -0.82 -31.94
CA ILE B 345 14.23 -1.98 -32.70
C ILE B 345 12.76 -1.83 -33.05
N LEU B 346 11.96 -1.49 -32.06
CA LEU B 346 10.52 -1.40 -32.21
C LEU B 346 10.16 -0.41 -33.33
N ALA B 347 10.64 0.82 -33.18
CA ALA B 347 10.35 1.90 -34.14
C ALA B 347 10.78 1.58 -35.57
N SER B 348 11.68 0.62 -35.73
CA SER B 348 12.18 0.19 -37.04
C SER B 348 11.38 -0.96 -37.65
N LEU B 349 10.51 -1.58 -36.86
CA LEU B 349 9.78 -2.75 -37.34
C LEU B 349 8.73 -2.37 -38.36
N SER B 350 8.62 -3.18 -39.41
CA SER B 350 7.64 -3.00 -40.46
C SER B 350 6.23 -3.02 -39.89
N THR B 351 5.96 -4.00 -39.02
CA THR B 351 4.64 -4.14 -38.41
C THR B 351 4.29 -3.05 -37.40
N PHE B 352 5.28 -2.27 -36.97
CA PHE B 352 5.04 -1.15 -36.07
C PHE B 352 4.60 0.12 -36.81
N GLN B 353 4.90 0.24 -38.10
CA GLN B 353 4.64 1.51 -38.83
C GLN B 353 3.16 1.93 -38.85
N GLN B 354 2.26 0.95 -38.86
CA GLN B 354 0.82 1.20 -38.77
C GLN B 354 0.36 1.70 -37.39
N MET B 355 1.26 1.67 -36.41
CA MET B 355 0.91 2.01 -35.03
C MET B 355 1.19 3.45 -34.67
N TRP B 356 2.11 4.10 -35.39
CA TRP B 356 2.40 5.50 -35.12
C TRP B 356 1.10 6.28 -35.11
N ILE B 357 0.99 7.21 -34.18
CA ILE B 357 -0.10 8.18 -34.18
C ILE B 357 0.38 9.30 -35.06
N THR B 358 -0.31 9.54 -36.18
CA THR B 358 0.07 10.62 -37.07
C THR B 358 -0.55 11.91 -36.59
N LYS B 359 -0.05 13.02 -37.13
CA LYS B 359 -0.59 14.33 -36.79
C LYS B 359 -2.06 14.46 -37.19
N GLN B 360 -2.43 13.87 -38.32
CA GLN B 360 -3.80 13.85 -38.80
C GLN B 360 -4.73 13.13 -37.83
N GLU B 361 -4.29 11.98 -37.31
CA GLU B 361 -5.06 11.26 -36.30
C GLU B 361 -5.23 12.09 -35.04
N TYR B 362 -4.18 12.82 -34.64
CA TYR B 362 -4.30 13.70 -33.47
C TYR B 362 -5.34 14.80 -33.73
N ASP B 363 -5.24 15.44 -34.90
CA ASP B 363 -6.24 16.45 -35.31
C ASP B 363 -7.66 15.88 -35.29
N GLU B 364 -7.79 14.63 -35.71
CA GLU B 364 -9.08 13.95 -35.79
C GLU B 364 -9.65 13.56 -34.43
N ALA B 365 -8.79 13.12 -33.50
CA ALA B 365 -9.26 12.53 -32.23
C ALA B 365 -8.74 13.17 -30.94
N GLY B 366 -7.74 14.04 -31.02
CA GLY B 366 -7.20 14.71 -29.84
C GLY B 366 -6.29 13.79 -29.03
N PRO B 367 -5.83 14.25 -27.85
CA PRO B 367 -4.86 13.52 -27.04
C PRO B 367 -5.27 12.11 -26.67
N SER B 368 -6.57 11.87 -26.51
CA SER B 368 -7.03 10.55 -26.09
C SER B 368 -6.78 9.46 -27.15
N ILE B 369 -6.33 9.84 -28.35
CA ILE B 369 -5.90 8.88 -29.37
C ILE B 369 -4.78 7.98 -28.83
N VAL B 370 -3.97 8.45 -27.87
CA VAL B 370 -2.90 7.57 -27.28
C VAL B 370 -3.41 6.28 -26.65
N HIS B 371 -4.64 6.25 -26.16
CA HIS B 371 -5.13 5.04 -25.50
C HIS B 371 -5.66 4.03 -26.51
N ARG B 372 -6.26 4.51 -27.60
CA ARG B 372 -6.57 3.64 -28.75
C ARG B 372 -5.26 3.18 -29.38
N LYS B 373 -4.24 4.03 -29.30
CA LYS B 373 -2.88 3.74 -29.79
C LYS B 373 -2.79 3.57 -31.31
N CYS B 374 -3.76 4.12 -32.05
CA CYS B 374 -3.80 4.03 -33.52
C CYS B 374 -3.44 2.64 -34.03
P PO4 C . -36.55 -15.01 13.06
O1 PO4 C . -36.99 -13.81 12.25
O2 PO4 C . -36.46 -16.23 12.16
O3 PO4 C . -37.54 -15.25 14.16
O4 PO4 C . -35.19 -14.73 13.66
C1 EDO D . -3.36 -0.08 3.55
O1 EDO D . -3.89 -0.39 2.25
C2 EDO D . -3.82 -1.16 4.52
O2 EDO D . -3.00 -2.33 4.43
C1 EDO E . 3.62 -1.53 -5.16
O1 EDO E . 3.32 -1.71 -6.54
C2 EDO E . 2.37 -1.86 -4.34
O2 EDO E . 2.74 -1.69 -2.98
C1 EDO F . 0.85 -8.28 -2.84
O1 EDO F . -0.01 -8.39 -3.97
C2 EDO F . 1.95 -7.25 -3.09
O2 EDO F . 1.42 -5.93 -3.28
C1 EDO G . -23.93 -10.21 11.01
O1 EDO G . -25.00 -10.51 10.13
C2 EDO G . -23.82 -11.27 12.11
O2 EDO G . -23.73 -12.61 11.58
C1 EDO H . -26.32 10.84 7.71
O1 EDO H . -26.18 12.04 6.94
C2 EDO H . -25.35 10.85 8.87
O2 EDO H . -25.87 11.68 9.92
C1 EDO I . -18.89 -24.57 18.92
O1 EDO I . -20.21 -24.98 19.26
C2 EDO I . -17.95 -24.99 20.04
O2 EDO I . -18.35 -24.31 21.24
C1 EDO J . 5.59 -10.44 4.15
O1 EDO J . 4.64 -11.32 4.77
C2 EDO J . 5.41 -9.05 4.74
O2 EDO J . 6.59 -8.67 5.47
C1 EDO K . -17.38 -15.06 36.98
O1 EDO K . -17.86 -14.32 38.10
C2 EDO K . -15.86 -15.10 36.97
O2 EDO K . -15.33 -13.84 37.41
C1 EDO L . -30.90 -3.78 24.88
O1 EDO L . -31.74 -3.70 23.72
C2 EDO L . -29.44 -3.91 24.46
O2 EDO L . -29.05 -2.80 23.64
N1 AR6 M . 3.41 13.33 11.93
C2 AR6 M . 4.74 12.66 12.03
N3 AR6 M . 4.98 11.90 10.81
C4 AR6 M . 4.12 11.83 9.78
C5 AR6 M . 2.95 12.46 9.80
C6 AR6 M . 2.61 13.19 10.87
N6 AR6 M . 1.43 13.79 10.82
N7 AR6 M . 2.31 12.20 8.66
C8 AR6 M . 3.09 11.41 7.94
N9 AR6 M . 4.20 11.18 8.64
PA AR6 M . 3.28 9.81 3.60
PB AR6 M . 3.02 7.21 2.67
C1' AR6 M . 5.37 10.38 8.28
O1A AR6 M . 3.59 11.13 3.01
O1B AR6 M . 1.55 7.32 2.65
C1D AR6 M . 3.39 4.35 -1.95
C2' AR6 M . 4.99 9.00 7.81
O2' AR6 M . 5.18 8.05 8.88
O2A AR6 M . 1.93 9.54 4.16
O2B AR6 M . 3.69 6.61 3.85
C2D AR6 M . 2.42 5.51 -2.04
O2D AR6 M . 1.70 5.50 -3.33
C3' AR6 M . 5.97 8.74 6.70
O3' AR6 M . 7.18 8.20 7.23
O3A AR6 M . 3.64 8.69 2.51
C3D AR6 M . 3.33 6.71 -1.98
O3D AR6 M . 3.92 6.98 -3.27
C4' AR6 M . 6.23 10.11 6.12
O4' AR6 M . 6.00 11.07 7.18
C4D AR6 M . 4.44 6.30 -1.00
O4D AR6 M . 4.40 4.82 -0.98
C5' AR6 M . 5.31 10.48 4.95
O5' AR6 M . 4.34 9.50 4.75
C5D AR6 M . 4.28 7.09 0.33
O5D AR6 M . 3.50 6.42 1.33
CA CA N . 14.40 4.52 -16.96
S1 LAR O . 23.74 11.26 -7.69
N1 LAR O . 21.93 10.42 -9.18
O1 LAR O . 23.43 9.14 -13.85
O2 LAR O . 23.73 11.43 -13.65
O3 LAR O . 22.19 13.51 -11.13
O4 LAR O . 23.93 11.98 -10.77
O5 LAR O . 23.04 8.84 -8.03
C1 LAR O . 24.18 10.09 -14.03
C2 LAR O . 25.53 9.81 -14.61
C3 LAR O . 26.48 10.72 -14.96
C4 LAR O . 26.35 12.20 -14.72
C5 LAR O . 26.24 13.17 -15.93
C6 LAR O . 25.89 14.38 -15.08
C7 LAR O . 25.70 15.68 -15.26
C8 LAR O . 25.33 16.11 -13.93
C9 LAR O . 24.65 17.11 -13.39
C10 LAR O . 24.43 16.79 -11.90
C11 LAR O . 22.96 16.45 -11.60
C12 LAR O . 22.29 15.47 -12.57
C13 LAR O . 22.67 13.98 -12.40
C14 LAR O . 22.04 13.12 -13.52
C15 LAR O . 22.34 11.63 -13.35
C16 LAR O . 21.96 11.20 -11.93
C17 LAR O . 22.51 12.14 -10.83
C18 LAR O . 21.90 11.83 -9.46
C19 LAR O . 22.65 12.50 -8.30
C20 LAR O . 22.85 10.01 -8.32
C21 LAR O . 27.79 10.25 -15.52
C22 LAR O . 25.06 17.81 -10.94
PG ATP P . 14.42 5.85 -13.72
O1G ATP P . 13.41 6.93 -14.05
O2G ATP P . 14.47 5.48 -12.26
O3G ATP P . 14.39 4.66 -14.66
PB ATP P . 16.78 6.53 -15.28
O1B ATP P . 16.03 5.98 -16.48
O2B ATP P . 17.47 7.86 -15.41
O3B ATP P . 15.84 6.60 -13.97
PA ATP P . 18.98 4.76 -15.79
O1A ATP P . 19.40 5.75 -16.84
O2A ATP P . 18.45 3.39 -16.18
O3A ATP P . 17.88 5.45 -14.81
O5' ATP P . 20.21 4.52 -14.77
C5' ATP P . 20.83 5.59 -14.06
C4' ATP P . 21.16 5.13 -12.65
O4' ATP P . 21.93 3.93 -12.72
C3' ATP P . 21.97 6.15 -11.88
O3' ATP P . 21.55 6.23 -10.51
C2' ATP P . 23.38 5.61 -11.96
O2' ATP P . 24.20 5.99 -10.84
C1' ATP P . 23.13 4.11 -11.98
N9 ATP P . 24.24 3.37 -12.60
C8 ATP P . 24.74 3.57 -13.83
N7 ATP P . 25.77 2.71 -14.06
C5 ATP P . 25.92 1.94 -12.96
C6 ATP P . 26.80 0.83 -12.53
N6 ATP P . 27.77 0.34 -13.32
N1 ATP P . 26.62 0.32 -11.29
C2 ATP P . 25.67 0.78 -10.46
N3 ATP P . 24.83 1.78 -10.78
C4 ATP P . 24.90 2.39 -12.00
C1 EDO Q . 14.93 8.24 -5.75
O1 EDO Q . 13.75 7.45 -5.58
C2 EDO Q . 14.62 9.59 -6.37
O2 EDO Q . 14.83 10.68 -5.46
C1 EDO R . 8.80 5.26 6.78
O1 EDO R . 8.54 5.13 5.38
C2 EDO R . 9.02 3.88 7.40
O2 EDO R . 7.85 3.10 7.25
C1 EDO S . 17.17 -6.89 -22.03
O1 EDO S . 16.03 -7.76 -22.24
C2 EDO S . 17.12 -6.42 -20.58
O2 EDO S . 18.23 -5.62 -20.20
C1 EDO T . 4.02 -20.79 -8.10
O1 EDO T . 2.72 -20.72 -7.51
C2 EDO T . 5.09 -20.60 -7.04
O2 EDO T . 5.51 -19.23 -6.92
C1 EDO U . 1.47 -20.87 -20.40
O1 EDO U . 2.56 -20.39 -21.20
C2 EDO U . 1.87 -22.17 -19.72
O2 EDO U . 2.11 -23.20 -20.67
C1 EDO V . 8.72 24.09 -31.56
O1 EDO V . 10.05 23.55 -31.36
C2 EDO V . 8.28 23.95 -33.02
O2 EDO V . 9.36 24.25 -33.91
C1 EDO W . 36.70 12.99 1.85
O1 EDO W . 36.31 13.48 3.14
C2 EDO W . 35.82 13.65 0.80
O2 EDO W . 36.27 14.99 0.55
C1 EDO X . 29.14 -1.25 -9.50
O1 EDO X . 28.25 -1.77 -10.50
C2 EDO X . 30.56 -1.78 -9.75
O2 EDO X . 30.94 -1.52 -11.12
C1 EDO Y . 13.28 -7.25 2.98
O1 EDO Y . 14.36 -7.84 3.72
C2 EDO Y . 12.41 -8.34 2.38
O2 EDO Y . 11.71 -7.77 1.28
#